data_7X5V
#
_entry.id   7X5V
#
_cell.length_a   1.00
_cell.length_b   1.00
_cell.length_c   1.00
_cell.angle_alpha   90.00
_cell.angle_beta   90.00
_cell.angle_gamma   90.00
#
_symmetry.space_group_name_H-M   'P 1'
#
loop_
_entity.id
_entity.type
_entity.pdbx_description
1 polymer 'ion channel,GFP-TwinStrep'
2 polymer 'ion channel'
#
loop_
_entity_poly.entity_id
_entity_poly.type
_entity_poly.pdbx_seq_one_letter_code
_entity_poly.pdbx_strand_id
1 'polypeptide(L)'
;MIAAIHNARRKKREAAAAHKAQHRTAENSMDSLEDSTHETDAGERAQAGSTKLAWTDVVAPPPRKVVFWLPHQRKVFDFY
ASQGVQYFTAFLIVSNFIFNCAEKEWDPYTDQLYQGLWRWGEFAFNTMFLIELLINFYGIAFCFWRYNWAWNTFDLVVVA
IGTLTMAEAIGGNFMPPSMALIRNLRAFRIFRLFKRIKSLNKIIVSLGKAIPGVANAFVIMVIIMCIYAILGVEFYHMTG
SDGTYVTYNDNVKRGLCTGDEVELGQCSLNQTVSSETARGYTYGEEYYGTFFRALYTLFQVLTGESWSEAVARPAVFESH
YDSFGPVLFYVSFIIICQIVLINVVVAVLLDKMVEEDDSEDPEKQTVAEKLSEMLSQEHAQLREIFRTWDEDNSGTISIK
EWRKAVKSMGYRGPIDVLDQIFASMDKDHSGELDYAEIDRMLSPTAARERRSSTHANPKRSVKEEVVAMRAEFTDHVARL
ETQIAALVLELQLQRKPCGAEAPAPAHSRLAHDSDGAPTEPPPPAAPDHHHLEDDEDTTQRVAAALEVLFQGPSKGEELF
TGVVPILVELDGDVNGHKFSVRGEGEGDATNGKLTLKFICTTGKLPVPWPTLVTTLTYGVQCFSRYPDHMKRHDFFKSAM
PEGYVQERTISFKDDGTYKTRAEVKFEGDTLVNRIELKGIDFKEDGNILGHKLEYNFNSHNVYITADKQKNGIKANFKIR
HNVEDGSVQLADHYQQNTPIGDGPVLLPDNHYLSTQSVLSKDPNEKRDHMVLLEFVTAAGITHGMDEWSHPQFEKGGGSG
GGSGGSAWSHPQFEK
;
A,B,C,D
2 'polypeptide(L)' MIAAIHNARRKKREAAA E
#
# COMPACT_ATOMS: atom_id res chain seq x y z
N TRP A 69 34.25 -3.30 -49.60
CA TRP A 69 34.44 -3.24 -48.16
C TRP A 69 35.71 -2.49 -47.80
N LEU A 70 35.79 -2.04 -46.56
CA LEU A 70 36.97 -1.32 -46.10
C LEU A 70 38.14 -2.30 -45.94
N PRO A 71 39.35 -1.88 -46.31
CA PRO A 71 40.49 -2.79 -46.24
C PRO A 71 40.94 -3.15 -44.83
N HIS A 72 40.49 -2.39 -43.82
CA HIS A 72 40.81 -2.67 -42.44
C HIS A 72 39.61 -3.10 -41.60
N GLN A 73 38.54 -3.57 -42.24
CA GLN A 73 37.26 -3.68 -41.54
C GLN A 73 37.17 -4.96 -40.71
N ARG A 74 37.65 -6.08 -41.24
CA ARG A 74 37.35 -7.37 -40.62
C ARG A 74 38.00 -7.53 -39.26
N LYS A 75 39.33 -7.37 -39.18
CA LYS A 75 40.02 -7.59 -37.92
C LYS A 75 39.60 -6.55 -36.89
N VAL A 76 39.36 -5.30 -37.33
CA VAL A 76 38.91 -4.28 -36.40
C VAL A 76 37.53 -4.63 -35.85
N PHE A 77 36.65 -5.19 -36.70
CA PHE A 77 35.32 -5.54 -36.25
C PHE A 77 35.37 -6.67 -35.23
N ASP A 78 36.14 -7.72 -35.53
CA ASP A 78 36.26 -8.82 -34.58
C ASP A 78 37.03 -8.40 -33.33
N PHE A 79 37.80 -7.31 -33.40
CA PHE A 79 38.42 -6.77 -32.21
C PHE A 79 37.39 -6.05 -31.34
N TYR A 80 36.49 -5.29 -31.96
CA TYR A 80 35.47 -4.60 -31.19
C TYR A 80 34.46 -5.57 -30.59
N ALA A 81 34.28 -6.73 -31.21
CA ALA A 81 33.41 -7.76 -30.65
C ALA A 81 34.08 -8.58 -29.57
N SER A 82 35.35 -8.29 -29.25
CA SER A 82 36.08 -9.08 -28.25
C SER A 82 35.43 -8.95 -26.89
N GLN A 83 35.61 -9.98 -26.07
CA GLN A 83 35.07 -9.96 -24.71
C GLN A 83 35.63 -8.79 -23.92
N GLY A 84 36.96 -8.62 -23.95
CA GLY A 84 37.59 -7.64 -23.09
C GLY A 84 37.23 -6.22 -23.46
N VAL A 85 37.09 -5.96 -24.77
CA VAL A 85 36.77 -4.60 -25.20
C VAL A 85 35.35 -4.25 -24.81
N GLN A 86 34.43 -5.22 -24.92
CA GLN A 86 33.06 -4.97 -24.48
C GLN A 86 33.01 -4.75 -22.98
N TYR A 87 33.77 -5.53 -22.21
CA TYR A 87 33.80 -5.32 -20.77
C TYR A 87 34.41 -3.98 -20.41
N PHE A 88 35.39 -3.52 -21.19
CA PHE A 88 36.00 -2.23 -20.91
C PHE A 88 35.03 -1.09 -21.22
N THR A 89 34.32 -1.18 -22.35
CA THR A 89 33.30 -0.19 -22.64
C THR A 89 32.22 -0.20 -21.58
N ALA A 90 31.87 -1.38 -21.06
CA ALA A 90 30.90 -1.47 -19.98
C ALA A 90 31.40 -0.77 -18.73
N PHE A 91 32.65 -1.01 -18.37
CA PHE A 91 33.24 -0.32 -17.22
C PHE A 91 33.19 1.19 -17.41
N LEU A 92 33.43 1.65 -18.64
CA LEU A 92 33.44 3.07 -18.95
C LEU A 92 32.04 3.68 -18.91
N ILE A 93 31.04 2.90 -19.31
CA ILE A 93 29.64 3.30 -19.21
C ILE A 93 29.24 3.45 -17.74
N VAL A 94 29.58 2.45 -16.92
CA VAL A 94 29.21 2.51 -15.51
C VAL A 94 29.94 3.65 -14.82
N SER A 95 31.19 3.91 -15.20
CA SER A 95 31.93 5.00 -14.59
C SER A 95 31.32 6.34 -14.96
N ASN A 96 30.84 6.48 -16.18
CA ASN A 96 30.20 7.73 -16.58
C ASN A 96 28.88 7.92 -15.85
N PHE A 97 28.11 6.85 -15.68
CA PHE A 97 26.87 6.97 -14.91
C PHE A 97 27.17 7.33 -13.46
N ILE A 98 28.19 6.72 -12.86
CA ILE A 98 28.58 7.06 -11.50
C ILE A 98 29.04 8.50 -11.43
N PHE A 99 29.66 8.99 -12.51
CA PHE A 99 30.09 10.39 -12.54
C PHE A 99 28.89 11.33 -12.52
N ASN A 100 27.85 11.00 -13.28
CA ASN A 100 26.63 11.82 -13.26
C ASN A 100 25.95 11.77 -11.89
N CYS A 101 25.83 10.56 -11.33
CA CYS A 101 25.27 10.39 -9.99
C CYS A 101 26.05 11.24 -8.99
N ALA A 102 27.37 11.20 -9.05
CA ALA A 102 28.20 11.93 -8.11
C ALA A 102 28.07 13.43 -8.32
N GLU A 103 27.88 13.87 -9.57
CA GLU A 103 27.63 15.28 -9.80
C GLU A 103 26.36 15.72 -9.09
N LYS A 104 25.30 14.91 -9.21
CA LYS A 104 24.04 15.29 -8.58
C LYS A 104 24.08 15.15 -7.07
N GLU A 105 24.97 14.30 -6.55
CA GLU A 105 25.05 14.12 -5.10
C GLU A 105 25.90 15.20 -4.44
N TRP A 106 27.09 15.47 -4.96
CA TRP A 106 28.02 16.37 -4.32
C TRP A 106 27.99 17.79 -4.86
N ASP A 107 27.32 18.02 -5.99
CA ASP A 107 27.31 19.33 -6.65
C ASP A 107 26.01 19.49 -7.42
N PRO A 108 24.86 19.55 -6.74
CA PRO A 108 23.60 19.66 -7.48
C PRO A 108 23.19 21.09 -7.74
N TYR A 109 23.81 22.05 -7.05
CA TYR A 109 23.31 23.42 -7.02
C TYR A 109 23.33 24.06 -8.40
N THR A 110 22.65 25.20 -8.51
CA THR A 110 22.70 25.99 -9.73
C THR A 110 24.09 26.59 -9.91
N ASP A 111 24.54 27.38 -8.94
CA ASP A 111 25.90 27.91 -8.92
C ASP A 111 26.80 26.82 -8.37
N GLN A 112 27.30 25.97 -9.26
CA GLN A 112 28.11 24.84 -8.84
C GLN A 112 29.42 25.30 -8.23
N LEU A 113 30.02 24.43 -7.42
CA LEU A 113 31.32 24.73 -6.81
C LEU A 113 32.46 24.19 -7.65
N TYR A 114 32.33 22.97 -8.15
CA TYR A 114 33.34 22.36 -9.00
C TYR A 114 32.70 22.15 -10.37
N GLN A 115 32.67 23.20 -11.19
CA GLN A 115 31.99 23.10 -12.46
C GLN A 115 32.91 22.50 -13.53
N GLY A 116 34.18 22.91 -13.52
CA GLY A 116 35.13 22.37 -14.47
C GLY A 116 35.29 20.87 -14.36
N LEU A 117 35.22 20.33 -13.15
CA LEU A 117 35.35 18.89 -12.99
C LEU A 117 34.29 18.15 -13.78
N TRP A 118 33.02 18.48 -13.58
CA TRP A 118 31.96 17.78 -14.29
C TRP A 118 32.02 18.06 -15.77
N ARG A 119 32.31 19.31 -16.16
CA ARG A 119 32.35 19.65 -17.57
C ARG A 119 33.42 18.83 -18.30
N TRP A 120 34.66 18.86 -17.82
CA TRP A 120 35.73 18.16 -18.53
C TRP A 120 35.63 16.66 -18.36
N GLY A 121 34.98 16.18 -17.29
CA GLY A 121 34.73 14.76 -17.18
C GLY A 121 33.74 14.28 -18.21
N GLU A 122 32.64 15.01 -18.38
CA GLU A 122 31.70 14.71 -19.44
C GLU A 122 32.38 14.80 -20.80
N PHE A 123 33.28 15.77 -20.96
CA PHE A 123 34.02 15.91 -22.21
C PHE A 123 34.86 14.68 -22.49
N ALA A 124 35.65 14.23 -21.51
CA ALA A 124 36.50 13.06 -21.71
C ALA A 124 35.67 11.82 -21.98
N PHE A 125 34.58 11.64 -21.24
CA PHE A 125 33.73 10.48 -21.46
C PHE A 125 33.09 10.51 -22.85
N ASN A 126 32.66 11.69 -23.29
CA ASN A 126 32.10 11.81 -24.62
C ASN A 126 33.15 11.52 -25.69
N THR A 127 34.38 11.95 -25.46
CA THR A 127 35.46 11.65 -26.40
C THR A 127 35.70 10.14 -26.49
N MET A 128 35.76 9.47 -25.35
CA MET A 128 35.98 8.03 -25.37
C MET A 128 34.82 7.29 -26.02
N PHE A 129 33.59 7.75 -25.78
CA PHE A 129 32.44 7.10 -26.38
C PHE A 129 32.38 7.36 -27.87
N LEU A 130 32.82 8.54 -28.31
CA LEU A 130 32.92 8.82 -29.73
C LEU A 130 33.95 7.93 -30.40
N ILE A 131 35.11 7.76 -29.76
CA ILE A 131 36.12 6.85 -30.29
C ILE A 131 35.58 5.44 -30.37
N GLU A 132 34.81 5.02 -29.35
CA GLU A 132 34.22 3.69 -29.39
C GLU A 132 33.22 3.57 -30.53
N LEU A 133 32.41 4.59 -30.75
CA LEU A 133 31.45 4.57 -31.85
C LEU A 133 32.17 4.49 -33.19
N LEU A 134 33.28 5.21 -33.34
CA LEU A 134 34.02 5.18 -34.59
C LEU A 134 34.68 3.83 -34.81
N ILE A 135 35.21 3.22 -33.75
CA ILE A 135 35.76 1.87 -33.88
C ILE A 135 34.66 0.89 -34.27
N ASN A 136 33.47 1.06 -33.68
CA ASN A 136 32.33 0.24 -34.05
C ASN A 136 32.01 0.36 -35.53
N PHE A 137 31.76 1.58 -35.99
CA PHE A 137 31.31 1.78 -37.37
C PHE A 137 32.40 1.41 -38.37
N TYR A 138 33.66 1.67 -38.01
CA TYR A 138 34.78 1.30 -38.87
C TYR A 138 34.84 -0.20 -39.10
N GLY A 139 34.40 -0.98 -38.11
CA GLY A 139 34.35 -2.42 -38.23
C GLY A 139 33.16 -2.96 -38.99
N ILE A 140 32.09 -2.18 -39.14
CA ILE A 140 30.93 -2.63 -39.89
C ILE A 140 30.77 -1.87 -41.20
N ALA A 141 31.87 -1.35 -41.75
CA ALA A 141 31.94 -0.58 -42.99
C ALA A 141 31.12 0.70 -42.90
N PHE A 142 30.88 1.23 -41.69
CA PHE A 142 30.20 2.50 -41.45
C PHE A 142 28.74 2.50 -41.86
N CYS A 143 28.15 1.33 -42.12
CA CYS A 143 26.76 1.24 -42.54
C CYS A 143 25.79 1.32 -41.37
N PHE A 144 25.88 0.35 -40.46
CA PHE A 144 25.08 0.16 -39.25
C PHE A 144 23.59 -0.01 -39.53
N TRP A 145 23.14 -0.01 -40.80
CA TRP A 145 21.78 -0.46 -41.07
C TRP A 145 21.69 -1.97 -40.97
N ARG A 146 22.73 -2.69 -41.39
CA ARG A 146 22.63 -4.14 -41.55
C ARG A 146 22.84 -4.86 -40.23
N TYR A 147 23.85 -4.46 -39.46
CA TYR A 147 24.29 -5.23 -38.31
C TYR A 147 23.90 -4.51 -37.03
N ASN A 148 23.01 -5.15 -36.25
CA ASN A 148 22.64 -4.67 -34.92
C ASN A 148 22.14 -3.23 -34.98
N TRP A 149 21.06 -3.02 -35.75
CA TRP A 149 20.64 -1.67 -36.09
C TRP A 149 20.11 -0.90 -34.88
N ALA A 150 19.46 -1.61 -33.95
CA ALA A 150 18.81 -0.92 -32.84
C ALA A 150 19.82 -0.31 -31.88
N TRP A 151 20.75 -1.12 -31.38
CA TRP A 151 21.75 -0.61 -30.45
C TRP A 151 22.69 0.37 -31.15
N ASN A 152 23.05 0.09 -32.40
CA ASN A 152 23.87 1.04 -33.14
C ASN A 152 23.18 2.38 -33.29
N THR A 153 21.87 2.36 -33.54
CA THR A 153 21.12 3.60 -33.65
C THR A 153 21.10 4.35 -32.33
N PHE A 154 20.80 3.65 -31.23
CA PHE A 154 20.77 4.29 -29.93
C PHE A 154 22.13 4.87 -29.58
N ASP A 155 23.21 4.13 -29.85
CA ASP A 155 24.56 4.62 -29.61
C ASP A 155 24.85 5.86 -30.44
N LEU A 156 24.47 5.83 -31.72
CA LEU A 156 24.70 6.99 -32.57
C LEU A 156 23.96 8.20 -32.03
N VAL A 157 22.73 8.01 -31.56
CA VAL A 157 21.97 9.13 -31.00
C VAL A 157 22.67 9.70 -29.79
N VAL A 158 23.06 8.84 -28.84
CA VAL A 158 23.61 9.37 -27.58
C VAL A 158 24.96 10.03 -27.82
N VAL A 159 25.77 9.48 -28.73
CA VAL A 159 27.07 10.10 -28.99
C VAL A 159 26.91 11.36 -29.82
N ALA A 160 25.88 11.43 -30.66
CA ALA A 160 25.60 12.68 -31.36
C ALA A 160 25.23 13.78 -30.38
N ILE A 161 24.40 13.44 -29.39
CA ILE A 161 24.05 14.42 -28.36
C ILE A 161 25.29 14.77 -27.53
N GLY A 162 26.17 13.80 -27.30
CA GLY A 162 27.39 14.09 -26.57
C GLY A 162 28.32 15.03 -27.32
N THR A 163 28.42 14.85 -28.64
CA THR A 163 29.20 15.77 -29.46
C THR A 163 28.56 17.15 -29.47
N LEU A 164 27.22 17.21 -29.52
CA LEU A 164 26.53 18.48 -29.35
C LEU A 164 26.91 19.13 -28.02
N THR A 165 27.06 18.32 -26.97
CA THR A 165 27.42 18.87 -25.67
C THR A 165 28.86 19.37 -25.66
N MET A 166 29.75 18.66 -26.35
CA MET A 166 31.12 19.14 -26.50
C MET A 166 31.14 20.50 -27.20
N ALA A 167 30.45 20.61 -28.33
CA ALA A 167 30.36 21.89 -29.03
C ALA A 167 29.75 22.98 -28.15
N GLU A 168 28.69 22.62 -27.42
CA GLU A 168 28.03 23.58 -26.54
C GLU A 168 28.98 24.08 -25.46
N ALA A 169 29.82 23.19 -24.95
CA ALA A 169 30.74 23.54 -23.88
C ALA A 169 31.88 24.41 -24.40
N ILE A 170 32.31 24.17 -25.64
CA ILE A 170 33.43 24.90 -26.19
C ILE A 170 33.04 26.22 -26.85
N GLY A 171 32.23 26.19 -27.92
CA GLY A 171 32.13 27.36 -28.76
C GLY A 171 30.76 27.98 -28.91
N GLY A 172 29.96 27.96 -27.84
CA GLY A 172 28.71 28.70 -27.86
C GLY A 172 27.49 27.90 -27.47
N ASN A 173 26.35 28.58 -27.28
CA ASN A 173 25.10 27.91 -26.95
C ASN A 173 24.34 27.61 -28.24
N PHE A 174 24.76 26.53 -28.90
CA PHE A 174 24.11 26.09 -30.14
C PHE A 174 22.61 25.84 -29.97
N MET A 175 22.19 25.30 -28.83
CA MET A 175 20.80 24.95 -28.64
C MET A 175 20.08 26.07 -27.88
N PRO A 176 18.81 26.35 -28.18
CA PRO A 176 18.06 27.32 -27.37
C PRO A 176 17.94 26.84 -25.93
N PRO A 177 17.75 27.76 -24.98
CA PRO A 177 17.59 27.34 -23.58
C PRO A 177 16.37 26.46 -23.35
N SER A 178 15.53 26.26 -24.36
CA SER A 178 14.29 25.53 -24.18
C SER A 178 14.51 24.02 -24.04
N MET A 179 15.29 23.43 -24.94
CA MET A 179 15.32 21.97 -25.06
C MET A 179 16.48 21.32 -24.32
N ALA A 180 16.86 21.89 -23.16
CA ALA A 180 17.89 21.26 -22.35
C ALA A 180 17.50 19.85 -21.92
N LEU A 181 16.21 19.52 -22.00
CA LEU A 181 15.78 18.16 -21.69
C LEU A 181 16.57 17.14 -22.49
N ILE A 182 17.23 17.58 -23.57
CA ILE A 182 18.07 16.70 -24.36
C ILE A 182 19.49 16.65 -23.80
N ARG A 183 19.89 17.69 -23.08
CA ARG A 183 21.18 17.63 -22.42
C ARG A 183 21.02 16.60 -21.31
N ASN A 184 19.81 16.52 -20.74
CA ASN A 184 19.56 15.58 -19.65
C ASN A 184 19.62 14.13 -20.10
N LEU A 185 19.85 13.86 -21.38
CA LEU A 185 19.85 12.50 -21.89
C LEU A 185 21.13 11.75 -21.55
N ARG A 186 22.07 12.36 -20.84
CA ARG A 186 23.27 11.64 -20.42
C ARG A 186 22.91 10.48 -19.50
N ALA A 187 21.92 10.67 -18.64
CA ALA A 187 21.56 9.63 -17.68
C ALA A 187 21.17 8.33 -18.37
N PHE A 188 20.67 8.42 -19.60
CA PHE A 188 20.19 7.24 -20.30
C PHE A 188 21.28 6.54 -21.08
N ARG A 189 22.53 6.98 -20.97
CA ARG A 189 23.63 6.22 -21.58
C ARG A 189 23.79 4.87 -20.92
N ILE A 190 23.45 4.78 -19.63
CA ILE A 190 23.60 3.53 -18.88
C ILE A 190 22.81 2.39 -19.52
N PHE A 191 21.77 2.70 -20.29
CA PHE A 191 21.01 1.65 -20.95
C PHE A 191 21.86 0.84 -21.90
N ARG A 192 23.00 1.39 -22.33
CA ARG A 192 23.88 0.66 -23.22
C ARG A 192 24.56 -0.50 -22.50
N LEU A 193 24.57 -0.46 -21.17
CA LEU A 193 25.11 -1.57 -20.40
C LEU A 193 24.25 -2.82 -20.53
N PHE A 194 22.97 -2.66 -20.84
CA PHE A 194 22.06 -3.80 -20.91
C PHE A 194 22.40 -4.71 -22.07
N LYS A 195 23.08 -4.17 -23.09
CA LYS A 195 23.42 -4.99 -24.26
C LYS A 195 24.56 -5.94 -23.95
N ARG A 196 25.50 -5.53 -23.09
CA ARG A 196 26.71 -6.30 -22.89
C ARG A 196 26.51 -7.40 -21.87
N ILE A 197 25.77 -7.13 -20.81
CA ILE A 197 25.53 -8.10 -19.73
C ILE A 197 24.33 -8.95 -20.12
N LYS A 198 24.57 -10.23 -20.35
CA LYS A 198 23.55 -11.16 -20.80
C LYS A 198 22.34 -11.37 -19.86
N SER A 199 22.49 -11.04 -18.60
CA SER A 199 21.37 -11.21 -17.66
C SER A 199 20.38 -10.05 -17.75
N LEU A 200 20.88 -8.82 -17.69
CA LEU A 200 20.02 -7.66 -17.85
C LEU A 200 19.35 -7.67 -19.21
N ASN A 201 20.07 -8.14 -20.24
CA ASN A 201 19.47 -8.25 -21.56
C ASN A 201 18.33 -9.25 -21.55
N LYS A 202 18.52 -10.37 -20.87
CA LYS A 202 17.49 -11.39 -20.76
C LYS A 202 16.24 -10.84 -20.10
N ILE A 203 16.42 -10.01 -19.09
CA ILE A 203 15.30 -9.41 -18.37
C ILE A 203 14.55 -8.43 -19.26
N ILE A 204 15.29 -7.56 -19.97
CA ILE A 204 14.59 -6.52 -20.73
C ILE A 204 13.94 -7.10 -21.99
N VAL A 205 14.53 -8.15 -22.56
CA VAL A 205 13.85 -8.79 -23.70
C VAL A 205 12.58 -9.49 -23.26
N SER A 206 12.60 -10.15 -22.09
CA SER A 206 11.36 -10.73 -21.60
C SER A 206 10.32 -9.64 -21.34
N LEU A 207 10.73 -8.53 -20.75
CA LEU A 207 9.81 -7.43 -20.51
C LEU A 207 9.19 -6.92 -21.81
N GLY A 208 10.03 -6.76 -22.84
CA GLY A 208 9.54 -6.26 -24.10
C GLY A 208 8.58 -7.22 -24.78
N LYS A 209 8.86 -8.52 -24.69
CA LYS A 209 7.95 -9.48 -25.28
C LYS A 209 6.76 -9.79 -24.37
N ALA A 210 6.74 -9.18 -23.19
CA ALA A 210 5.57 -9.35 -22.30
C ALA A 210 4.61 -8.18 -22.41
N ILE A 211 5.11 -6.99 -22.75
CA ILE A 211 4.26 -5.79 -22.73
C ILE A 211 3.08 -5.86 -23.70
N PRO A 212 3.24 -6.31 -24.96
CA PRO A 212 2.06 -6.37 -25.84
C PRO A 212 0.92 -7.24 -25.29
N GLY A 213 1.23 -8.31 -24.57
CA GLY A 213 0.18 -9.08 -23.94
C GLY A 213 -0.56 -8.29 -22.88
N VAL A 214 0.16 -7.42 -22.17
CA VAL A 214 -0.46 -6.56 -21.17
C VAL A 214 -1.38 -5.54 -21.80
N ALA A 215 -1.05 -5.09 -23.03
CA ALA A 215 -1.77 -3.99 -23.68
C ALA A 215 -3.29 -4.10 -23.53
N ASN A 216 -3.86 -5.29 -23.68
CA ASN A 216 -5.32 -5.42 -23.67
C ASN A 216 -5.91 -5.08 -22.30
N ALA A 217 -5.42 -5.76 -21.25
CA ALA A 217 -5.91 -5.49 -19.91
C ALA A 217 -5.60 -4.05 -19.50
N PHE A 218 -4.49 -3.50 -19.97
CA PHE A 218 -4.18 -2.12 -19.68
C PHE A 218 -5.22 -1.19 -20.30
N VAL A 219 -5.63 -1.47 -21.54
CA VAL A 219 -6.60 -0.60 -22.19
C VAL A 219 -7.96 -0.72 -21.51
N ILE A 220 -8.29 -1.91 -21.02
CA ILE A 220 -9.55 -2.07 -20.29
C ILE A 220 -9.52 -1.26 -18.99
N MET A 221 -8.42 -1.36 -18.24
CA MET A 221 -8.30 -0.62 -17.00
C MET A 221 -8.35 0.88 -17.25
N VAL A 222 -7.74 1.35 -18.35
CA VAL A 222 -7.75 2.78 -18.63
C VAL A 222 -9.14 3.23 -19.06
N ILE A 223 -9.87 2.38 -19.80
CA ILE A 223 -11.24 2.71 -20.15
C ILE A 223 -12.08 2.92 -18.91
N ILE A 224 -11.92 2.02 -17.93
CA ILE A 224 -12.71 2.14 -16.70
C ILE A 224 -12.28 3.36 -15.90
N MET A 225 -10.98 3.67 -15.90
CA MET A 225 -10.51 4.86 -15.19
C MET A 225 -11.06 6.13 -15.81
N CYS A 226 -11.16 6.19 -17.15
CA CYS A 226 -11.73 7.38 -17.77
C CYS A 226 -13.23 7.48 -17.53
N ILE A 227 -13.93 6.34 -17.49
CA ILE A 227 -15.34 6.36 -17.10
C ILE A 227 -15.48 6.99 -15.73
N TYR A 228 -14.71 6.50 -14.76
CA TYR A 228 -14.80 7.02 -13.40
C TYR A 228 -14.35 8.46 -13.33
N ALA A 229 -13.46 8.89 -14.23
CA ALA A 229 -13.03 10.28 -14.23
C ALA A 229 -14.13 11.21 -14.72
N ILE A 230 -14.85 10.79 -15.77
CA ILE A 230 -16.01 11.57 -16.21
C ILE A 230 -17.05 11.65 -15.11
N LEU A 231 -17.35 10.51 -14.49
CA LEU A 231 -18.32 10.50 -13.40
C LEU A 231 -17.87 11.41 -12.26
N GLY A 232 -16.59 11.36 -11.93
CA GLY A 232 -16.09 12.16 -10.82
C GLY A 232 -16.12 13.65 -11.11
N VAL A 233 -15.80 14.04 -12.35
CA VAL A 233 -15.89 15.45 -12.70
C VAL A 233 -17.34 15.91 -12.66
N GLU A 234 -18.27 15.06 -13.11
CA GLU A 234 -19.66 15.47 -13.08
C GLU A 234 -20.16 15.61 -11.65
N PHE A 235 -19.74 14.71 -10.77
CA PHE A 235 -20.28 14.70 -9.41
C PHE A 235 -19.57 15.70 -8.50
N TYR A 236 -18.27 15.51 -8.29
CA TYR A 236 -17.55 16.19 -7.22
C TYR A 236 -16.79 17.42 -7.64
N HIS A 237 -16.83 17.82 -8.91
CA HIS A 237 -15.98 18.93 -9.36
C HIS A 237 -16.31 20.24 -8.68
N MET A 238 -17.36 20.30 -7.85
CA MET A 238 -17.68 21.51 -7.10
C MET A 238 -17.82 21.25 -5.62
N THR A 239 -17.35 20.12 -5.11
CA THR A 239 -17.40 19.85 -3.68
C THR A 239 -16.52 20.83 -2.91
N GLY A 240 -17.13 21.57 -2.00
CA GLY A 240 -16.37 22.51 -1.21
C GLY A 240 -15.92 23.74 -1.97
N SER A 241 -16.66 24.13 -3.00
CA SER A 241 -16.26 25.27 -3.82
C SER A 241 -16.20 26.55 -2.98
N ASP A 242 -17.05 26.68 -1.97
CA ASP A 242 -16.98 27.87 -1.12
C ASP A 242 -15.70 27.86 -0.29
N GLY A 243 -15.02 26.72 -0.25
CA GLY A 243 -13.91 26.49 0.65
C GLY A 243 -14.30 25.77 1.92
N THR A 244 -15.59 25.54 2.15
CA THR A 244 -16.08 24.89 3.36
C THR A 244 -17.27 23.98 3.07
N TYR A 245 -17.34 22.87 3.76
CA TYR A 245 -18.49 21.99 3.63
C TYR A 245 -19.02 21.72 5.03
N VAL A 246 -20.28 21.33 5.15
CA VAL A 246 -20.85 21.06 6.46
C VAL A 246 -21.07 19.57 6.66
N THR A 247 -20.75 19.12 7.86
CA THR A 247 -20.98 17.74 8.27
C THR A 247 -21.90 17.84 9.47
N TYR A 248 -22.83 16.90 9.60
CA TYR A 248 -23.78 16.97 10.69
C TYR A 248 -23.54 15.94 11.77
N ASN A 249 -23.62 16.34 13.03
CA ASN A 249 -23.43 15.38 14.09
C ASN A 249 -24.70 14.63 14.43
N ASP A 250 -24.54 13.92 15.53
CA ASP A 250 -25.44 13.01 16.24
C ASP A 250 -25.32 13.38 17.71
N ASN A 251 -25.01 14.63 17.98
CA ASN A 251 -24.80 15.13 19.33
C ASN A 251 -25.91 14.86 20.33
N VAL A 252 -27.13 15.28 20.02
CA VAL A 252 -28.23 15.09 20.95
C VAL A 252 -28.56 13.61 21.12
N LYS A 253 -28.55 12.89 20.01
CA LYS A 253 -28.88 11.47 20.02
C LYS A 253 -27.87 10.60 20.74
N ARG A 254 -26.59 10.98 20.67
CA ARG A 254 -25.52 10.22 21.31
C ARG A 254 -25.36 10.47 22.78
N GLY A 255 -25.63 11.69 23.22
CA GLY A 255 -25.42 12.04 24.60
C GLY A 255 -24.53 13.23 24.86
N LEU A 256 -23.96 13.84 23.83
CA LEU A 256 -23.00 14.92 24.07
C LEU A 256 -23.71 16.22 24.44
N CYS A 257 -24.93 16.41 23.96
CA CYS A 257 -25.74 17.56 24.33
C CYS A 257 -27.19 17.14 24.39
N THR A 258 -28.00 17.99 25.02
CA THR A 258 -29.43 17.75 25.08
C THR A 258 -30.15 18.58 24.04
N GLY A 259 -31.30 18.08 23.57
CA GLY A 259 -31.97 18.68 22.43
C GLY A 259 -32.36 20.13 22.65
N ASP A 260 -32.51 20.54 23.91
CA ASP A 260 -32.94 21.91 24.19
C ASP A 260 -31.85 22.92 23.87
N GLU A 261 -30.59 22.57 24.15
CA GLU A 261 -29.49 23.49 23.91
C GLU A 261 -29.32 23.77 22.42
N VAL A 262 -29.67 22.80 21.58
CA VAL A 262 -29.61 23.00 20.14
C VAL A 262 -30.63 24.02 19.69
N GLU A 263 -31.89 23.83 20.09
CA GLU A 263 -32.95 24.75 19.70
C GLU A 263 -32.71 26.14 20.29
N LEU A 264 -32.08 26.22 21.45
CA LEU A 264 -31.78 27.52 22.04
C LEU A 264 -30.59 28.16 21.34
N GLY A 265 -29.62 27.36 20.91
CA GLY A 265 -28.46 27.85 20.21
C GLY A 265 -27.14 27.58 20.89
N GLN A 266 -27.14 26.81 21.98
CA GLN A 266 -25.90 26.56 22.71
C GLN A 266 -25.02 25.56 21.98
N CYS A 267 -25.62 24.57 21.34
CA CYS A 267 -24.90 23.58 20.56
C CYS A 267 -25.47 23.54 19.15
N SER A 268 -24.82 22.79 18.28
CA SER A 268 -25.28 22.64 16.90
C SER A 268 -25.04 21.21 16.45
N LEU A 269 -25.67 20.86 15.33
CA LEU A 269 -25.46 19.57 14.70
C LEU A 269 -24.66 19.65 13.41
N ASN A 270 -24.13 20.82 13.06
CA ASN A 270 -23.35 20.98 11.85
C ASN A 270 -22.03 21.67 12.17
N GLN A 271 -20.99 21.26 11.47
CA GLN A 271 -19.68 21.85 11.67
C GLN A 271 -19.26 22.34 10.30
N THR A 272 -18.94 23.63 10.18
CA THR A 272 -18.50 24.16 8.91
C THR A 272 -17.00 23.94 8.69
N VAL A 273 -16.59 22.69 8.50
CA VAL A 273 -15.20 22.33 8.23
C VAL A 273 -14.75 22.96 6.92
N SER A 274 -13.48 23.36 6.85
CA SER A 274 -12.92 24.00 5.66
C SER A 274 -12.40 22.96 4.68
N SER A 275 -12.39 23.32 3.40
CA SER A 275 -12.11 22.38 2.34
C SER A 275 -10.81 22.64 1.60
N GLU A 276 -10.08 23.71 1.95
CA GLU A 276 -8.80 23.98 1.30
C GLU A 276 -7.83 22.85 1.50
N THR A 277 -7.13 22.48 0.43
CA THR A 277 -6.07 21.50 0.52
C THR A 277 -4.74 22.19 0.83
N ALA A 278 -3.68 21.39 0.97
CA ALA A 278 -2.36 21.94 1.21
C ALA A 278 -1.75 22.47 -0.09
N ARG A 279 -2.54 22.58 -1.15
CA ARG A 279 -2.03 23.17 -2.38
C ARG A 279 -2.75 24.48 -2.61
N GLY A 280 -3.68 24.84 -1.74
CA GLY A 280 -4.37 26.09 -1.86
C GLY A 280 -5.73 26.04 -2.53
N TYR A 281 -6.15 24.87 -2.98
CA TYR A 281 -7.38 24.72 -3.74
C TYR A 281 -8.56 24.49 -2.81
N THR A 282 -9.66 24.08 -3.41
CA THR A 282 -10.74 23.42 -2.71
C THR A 282 -10.74 21.95 -3.09
N TYR A 283 -11.48 21.15 -2.32
CA TYR A 283 -11.46 19.70 -2.56
C TYR A 283 -11.85 19.37 -3.99
N GLY A 284 -12.90 20.00 -4.50
CA GLY A 284 -13.40 19.63 -5.81
C GLY A 284 -12.48 20.06 -6.93
N GLU A 285 -12.00 21.30 -6.87
CA GLU A 285 -11.17 21.83 -7.96
C GLU A 285 -9.90 21.03 -8.14
N GLU A 286 -9.27 20.62 -7.04
CA GLU A 286 -8.00 19.92 -7.16
C GLU A 286 -8.18 18.47 -7.56
N TYR A 287 -9.10 17.77 -6.92
CA TYR A 287 -9.18 16.34 -7.10
C TYR A 287 -9.98 15.97 -8.34
N TYR A 288 -11.03 16.75 -8.66
CA TYR A 288 -11.86 16.46 -9.82
C TYR A 288 -12.21 17.73 -10.58
N GLY A 289 -11.34 18.74 -10.57
CA GLY A 289 -11.67 19.99 -11.23
C GLY A 289 -11.85 19.83 -12.72
N THR A 290 -11.01 19.00 -13.35
CA THR A 290 -11.12 18.70 -14.77
C THR A 290 -10.99 17.20 -14.96
N PHE A 291 -10.97 16.77 -16.22
CA PHE A 291 -10.95 15.34 -16.51
C PHE A 291 -9.57 14.76 -16.28
N PHE A 292 -8.52 15.53 -16.52
CA PHE A 292 -7.18 15.01 -16.32
C PHE A 292 -6.79 15.08 -14.85
N ARG A 293 -7.24 16.11 -14.14
CA ARG A 293 -7.11 16.12 -12.68
C ARG A 293 -7.83 14.93 -12.06
N ALA A 294 -9.02 14.61 -12.56
CA ALA A 294 -9.76 13.47 -12.03
C ALA A 294 -9.08 12.16 -12.39
N LEU A 295 -8.54 12.06 -13.60
CA LEU A 295 -7.85 10.84 -13.98
C LEU A 295 -6.58 10.65 -13.14
N TYR A 296 -5.93 11.75 -12.77
CA TYR A 296 -4.77 11.66 -11.90
C TYR A 296 -5.18 11.29 -10.47
N THR A 297 -6.25 11.89 -9.96
CA THR A 297 -6.81 11.49 -8.67
C THR A 297 -7.12 10.00 -8.64
N LEU A 298 -7.68 9.49 -9.73
CA LEU A 298 -8.04 8.08 -9.76
C LEU A 298 -6.80 7.21 -9.90
N PHE A 299 -5.73 7.74 -10.50
CA PHE A 299 -4.47 7.00 -10.46
C PHE A 299 -3.94 6.91 -9.05
N GLN A 300 -3.93 8.02 -8.32
CA GLN A 300 -3.49 8.01 -6.93
C GLN A 300 -4.34 7.08 -6.09
N VAL A 301 -5.62 6.97 -6.40
CA VAL A 301 -6.49 6.04 -5.69
C VAL A 301 -6.19 4.60 -6.10
N LEU A 302 -5.84 4.40 -7.38
CA LEU A 302 -5.49 3.08 -7.86
C LEU A 302 -4.22 2.56 -7.19
N THR A 303 -3.30 3.46 -6.85
CA THR A 303 -2.11 3.03 -6.13
C THR A 303 -2.31 3.00 -4.63
N GLY A 304 -3.46 3.42 -4.15
CA GLY A 304 -3.80 3.32 -2.75
C GLY A 304 -3.33 4.44 -1.87
N GLU A 305 -2.96 5.58 -2.45
CA GLU A 305 -2.33 6.67 -1.71
C GLU A 305 -3.40 7.62 -1.19
N SER A 306 -3.58 7.64 0.13
CA SER A 306 -4.47 8.57 0.82
C SER A 306 -5.84 8.67 0.15
N TRP A 307 -6.33 7.56 -0.38
CA TRP A 307 -7.59 7.61 -1.13
C TRP A 307 -8.77 7.92 -0.22
N SER A 308 -8.63 7.66 1.09
CA SER A 308 -9.76 7.87 1.99
C SER A 308 -9.66 9.21 2.70
N GLU A 309 -8.55 9.43 3.40
CA GLU A 309 -8.46 10.60 4.27
C GLU A 309 -8.40 11.89 3.46
N ALA A 310 -7.87 11.82 2.25
CA ALA A 310 -7.73 13.02 1.44
C ALA A 310 -8.81 13.11 0.37
N VAL A 311 -9.10 11.99 -0.30
CA VAL A 311 -10.00 11.98 -1.44
C VAL A 311 -11.42 11.62 -1.01
N ALA A 312 -11.60 10.41 -0.47
CA ALA A 312 -12.94 9.87 -0.29
C ALA A 312 -13.67 10.54 0.86
N ARG A 313 -13.09 10.53 2.05
CA ARG A 313 -13.85 10.87 3.26
C ARG A 313 -14.48 12.26 3.24
N PRO A 314 -13.83 13.30 2.72
CA PRO A 314 -14.53 14.60 2.66
C PRO A 314 -15.76 14.55 1.77
N ALA A 315 -15.71 13.79 0.67
CA ALA A 315 -16.88 13.62 -0.17
C ALA A 315 -17.95 12.80 0.55
N VAL A 316 -17.55 11.68 1.14
CA VAL A 316 -18.50 10.79 1.81
C VAL A 316 -19.23 11.51 2.92
N PHE A 317 -18.53 12.31 3.70
CA PHE A 317 -19.16 12.99 4.82
C PHE A 317 -19.79 14.32 4.51
N GLU A 318 -19.44 14.89 3.38
CA GLU A 318 -20.01 16.16 2.98
C GLU A 318 -21.51 16.03 2.77
N SER A 319 -21.92 14.91 2.14
CA SER A 319 -23.32 14.64 1.85
C SER A 319 -23.92 13.91 3.03
N HIS A 320 -24.87 14.55 3.72
CA HIS A 320 -25.42 13.93 4.91
C HIS A 320 -26.17 12.61 4.81
N TYR A 321 -27.11 12.47 3.87
CA TYR A 321 -27.84 11.20 3.80
C TYR A 321 -27.60 10.48 2.48
N ASP A 322 -26.79 11.09 1.64
CA ASP A 322 -26.48 10.58 0.32
C ASP A 322 -25.11 9.95 0.32
N SER A 323 -24.69 9.49 1.49
CA SER A 323 -23.37 8.86 1.72
C SER A 323 -23.11 7.56 0.96
N PHE A 324 -24.16 6.88 0.52
CA PHE A 324 -24.07 5.69 -0.29
C PHE A 324 -23.40 6.02 -1.65
N GLY A 325 -23.66 7.20 -2.20
CA GLY A 325 -23.07 7.66 -3.44
C GLY A 325 -21.57 7.63 -3.48
N PRO A 326 -20.90 8.58 -2.79
CA PRO A 326 -19.42 8.56 -2.82
C PRO A 326 -18.83 7.27 -2.28
N VAL A 327 -19.46 6.67 -1.27
CA VAL A 327 -18.97 5.40 -0.75
C VAL A 327 -18.97 4.35 -1.85
N LEU A 328 -20.08 4.21 -2.55
CA LEU A 328 -20.14 3.22 -3.62
C LEU A 328 -19.20 3.58 -4.75
N PHE A 329 -19.08 4.87 -5.07
CA PHE A 329 -18.11 5.32 -6.07
C PHE A 329 -16.72 4.78 -5.78
N TYR A 330 -16.19 5.14 -4.60
CA TYR A 330 -14.80 4.79 -4.28
C TYR A 330 -14.64 3.30 -4.01
N VAL A 331 -15.61 2.67 -3.37
CA VAL A 331 -15.51 1.24 -3.08
C VAL A 331 -15.54 0.44 -4.38
N SER A 332 -16.44 0.78 -5.30
CA SER A 332 -16.50 0.09 -6.57
C SER A 332 -15.23 0.31 -7.37
N PHE A 333 -14.74 1.56 -7.39
CA PHE A 333 -13.50 1.83 -8.11
C PHE A 333 -12.36 0.99 -7.53
N ILE A 334 -12.18 1.04 -6.22
CA ILE A 334 -11.09 0.32 -5.59
C ILE A 334 -11.20 -1.16 -5.89
N ILE A 335 -12.33 -1.77 -5.57
CA ILE A 335 -12.50 -3.20 -5.84
C ILE A 335 -12.14 -3.50 -7.27
N ILE A 336 -12.92 -2.95 -8.21
CA ILE A 336 -12.75 -3.31 -9.62
C ILE A 336 -11.33 -3.03 -10.08
N CYS A 337 -10.97 -1.74 -10.16
CA CYS A 337 -9.69 -1.37 -10.72
C CYS A 337 -8.55 -1.95 -9.89
N GLN A 338 -8.41 -1.50 -8.64
CA GLN A 338 -7.26 -1.93 -7.85
C GLN A 338 -7.16 -3.44 -7.85
N ILE A 339 -8.09 -4.11 -7.16
CA ILE A 339 -7.91 -5.53 -6.92
C ILE A 339 -7.94 -6.28 -8.25
N VAL A 340 -9.09 -6.26 -8.92
CA VAL A 340 -9.23 -7.17 -10.04
C VAL A 340 -8.31 -6.76 -11.17
N LEU A 341 -8.36 -5.49 -11.58
CA LEU A 341 -7.68 -5.11 -12.81
C LEU A 341 -6.17 -5.05 -12.61
N ILE A 342 -5.68 -4.49 -11.50
CA ILE A 342 -4.23 -4.48 -11.34
C ILE A 342 -3.71 -5.90 -11.23
N ASN A 343 -4.42 -6.78 -10.52
CA ASN A 343 -3.90 -8.14 -10.39
C ASN A 343 -3.95 -8.88 -11.71
N VAL A 344 -4.92 -8.57 -12.58
CA VAL A 344 -4.96 -9.23 -13.88
C VAL A 344 -3.86 -8.71 -14.79
N VAL A 345 -3.62 -7.39 -14.77
CA VAL A 345 -2.51 -6.84 -15.54
C VAL A 345 -1.19 -7.46 -15.12
N VAL A 346 -0.90 -7.46 -13.81
CA VAL A 346 0.35 -8.00 -13.33
C VAL A 346 0.43 -9.50 -13.58
N ALA A 347 -0.71 -10.19 -13.52
CA ALA A 347 -0.71 -11.62 -13.73
C ALA A 347 -0.38 -11.98 -15.17
N VAL A 348 -0.95 -11.25 -16.12
CA VAL A 348 -0.65 -11.54 -17.52
C VAL A 348 0.78 -11.11 -17.84
N LEU A 349 1.27 -10.05 -17.19
CA LEU A 349 2.66 -9.65 -17.34
C LEU A 349 3.60 -10.76 -16.91
N LEU A 350 3.47 -11.21 -15.66
CA LEU A 350 4.34 -12.28 -15.15
C LEU A 350 4.15 -13.57 -15.93
N ASP A 351 2.93 -13.83 -16.42
CA ASP A 351 2.71 -15.02 -17.22
C ASP A 351 3.51 -14.96 -18.51
N LYS A 352 3.48 -13.80 -19.16
CA LYS A 352 4.22 -13.60 -20.41
C LYS A 352 5.71 -13.72 -20.17
N MET A 353 6.18 -13.23 -19.02
CA MET A 353 7.61 -13.28 -18.72
C MET A 353 8.05 -14.69 -18.41
N VAL A 354 7.24 -15.48 -17.70
CA VAL A 354 7.59 -16.87 -17.44
C VAL A 354 7.47 -17.68 -18.72
N GLU A 355 6.60 -17.25 -19.64
CA GLU A 355 6.57 -17.85 -20.98
C GLU A 355 7.91 -17.68 -21.67
N GLU A 356 8.47 -16.47 -21.62
CA GLU A 356 9.69 -16.21 -22.35
C GLU A 356 10.90 -16.82 -21.63
N ASP A 357 10.81 -16.91 -20.30
CA ASP A 357 11.87 -17.57 -19.53
C ASP A 357 11.99 -19.04 -19.90
N ASP A 358 10.89 -19.67 -20.30
CA ASP A 358 10.90 -21.09 -20.62
C ASP A 358 10.24 -21.35 -21.96
N TRP B 69 -40.97 -10.34 -41.30
CA TRP B 69 -39.82 -10.66 -42.12
C TRP B 69 -39.66 -9.65 -43.26
N LEU B 70 -38.64 -8.80 -43.16
CA LEU B 70 -38.36 -7.79 -44.18
C LEU B 70 -37.88 -8.48 -45.45
N PRO B 71 -38.19 -7.90 -46.61
CA PRO B 71 -37.81 -8.47 -47.92
C PRO B 71 -36.31 -8.54 -48.15
N HIS B 72 -35.59 -7.49 -47.79
CA HIS B 72 -34.14 -7.44 -47.99
C HIS B 72 -33.36 -7.53 -46.69
N GLN B 73 -34.00 -8.04 -45.64
CA GLN B 73 -33.38 -8.13 -44.33
C GLN B 73 -32.12 -8.99 -44.33
N ARG B 74 -32.14 -10.13 -45.03
CA ARG B 74 -30.96 -10.98 -45.02
C ARG B 74 -29.75 -10.26 -45.60
N LYS B 75 -29.95 -9.56 -46.71
CA LYS B 75 -28.85 -8.83 -47.31
C LYS B 75 -28.39 -7.72 -46.37
N VAL B 76 -29.35 -7.05 -45.74
CA VAL B 76 -29.07 -5.97 -44.80
C VAL B 76 -28.31 -6.44 -43.56
N PHE B 77 -28.70 -7.61 -43.07
CA PHE B 77 -28.09 -8.18 -41.87
C PHE B 77 -26.61 -8.45 -42.10
N ASP B 78 -26.27 -8.95 -43.28
CA ASP B 78 -24.88 -9.23 -43.61
C ASP B 78 -24.03 -7.97 -43.60
N PHE B 79 -24.60 -6.86 -44.09
CA PHE B 79 -23.89 -5.60 -44.13
C PHE B 79 -23.53 -5.15 -42.72
N TYR B 80 -24.46 -5.31 -41.78
CA TYR B 80 -24.20 -4.93 -40.40
C TYR B 80 -23.11 -5.79 -39.80
N ALA B 81 -23.11 -7.07 -40.13
CA ALA B 81 -22.11 -7.99 -39.63
C ALA B 81 -20.79 -7.90 -40.39
N SER B 82 -20.65 -6.94 -41.31
CA SER B 82 -19.38 -6.81 -42.02
C SER B 82 -18.29 -6.31 -41.10
N GLN B 83 -17.05 -6.68 -41.44
CA GLN B 83 -15.90 -6.23 -40.66
C GLN B 83 -15.81 -4.71 -40.64
N GLY B 84 -15.92 -4.09 -41.82
CA GLY B 84 -15.67 -2.65 -41.91
C GLY B 84 -16.73 -1.85 -41.20
N VAL B 85 -17.98 -2.30 -41.25
CA VAL B 85 -19.05 -1.54 -40.60
C VAL B 85 -18.92 -1.63 -39.09
N GLN B 86 -18.52 -2.80 -38.57
CA GLN B 86 -18.29 -2.92 -37.14
C GLN B 86 -17.10 -2.06 -36.72
N TYR B 87 -16.04 -2.03 -37.52
CA TYR B 87 -14.90 -1.18 -37.18
C TYR B 87 -15.28 0.30 -37.24
N PHE B 88 -16.18 0.67 -38.15
CA PHE B 88 -16.60 2.07 -38.24
C PHE B 88 -17.46 2.46 -37.05
N THR B 89 -18.38 1.58 -36.65
CA THR B 89 -19.15 1.84 -35.45
C THR B 89 -18.25 1.92 -34.23
N ALA B 90 -17.20 1.08 -34.19
CA ALA B 90 -16.24 1.16 -33.09
C ALA B 90 -15.52 2.49 -33.08
N PHE B 91 -15.08 2.95 -34.25
CA PHE B 91 -14.45 4.26 -34.34
C PHE B 91 -15.38 5.35 -33.83
N LEU B 92 -16.66 5.22 -34.17
CA LEU B 92 -17.68 6.21 -33.78
C LEU B 92 -17.96 6.19 -32.28
N ILE B 93 -17.90 5.01 -31.68
CA ILE B 93 -18.03 4.84 -30.24
C ILE B 93 -16.86 5.50 -29.53
N VAL B 94 -15.64 5.22 -29.99
CA VAL B 94 -14.46 5.78 -29.35
C VAL B 94 -14.45 7.29 -29.51
N SER B 95 -14.89 7.79 -30.66
CA SER B 95 -14.92 9.24 -30.86
C SER B 95 -15.93 9.90 -29.94
N ASN B 96 -17.06 9.24 -29.70
CA ASN B 96 -18.05 9.80 -28.78
C ASN B 96 -17.53 9.81 -27.35
N PHE B 97 -16.84 8.74 -26.95
CA PHE B 97 -16.25 8.73 -25.62
C PHE B 97 -15.19 9.80 -25.47
N ILE B 98 -14.36 9.99 -26.50
CA ILE B 98 -13.36 11.05 -26.46
C ILE B 98 -14.03 12.40 -26.42
N PHE B 99 -15.20 12.52 -27.05
CA PHE B 99 -15.94 13.78 -27.01
C PHE B 99 -16.42 14.08 -25.59
N ASN B 100 -16.92 13.07 -24.88
CA ASN B 100 -17.33 13.27 -23.49
C ASN B 100 -16.13 13.61 -22.60
N CYS B 101 -15.04 12.85 -22.76
CA CYS B 101 -13.80 13.15 -22.04
C CYS B 101 -13.37 14.59 -22.28
N ALA B 102 -13.39 15.02 -23.52
CA ALA B 102 -12.95 16.38 -23.86
C ALA B 102 -13.90 17.42 -23.28
N GLU B 103 -15.20 17.11 -23.23
CA GLU B 103 -16.12 18.02 -22.59
C GLU B 103 -15.76 18.22 -21.13
N LYS B 104 -15.45 17.12 -20.44
CA LYS B 104 -15.12 17.23 -19.02
C LYS B 104 -13.75 17.84 -18.80
N GLU B 105 -12.86 17.77 -19.79
CA GLU B 105 -11.53 18.33 -19.63
C GLU B 105 -11.50 19.82 -19.92
N TRP B 106 -12.08 20.24 -21.05
CA TRP B 106 -11.98 21.62 -21.49
C TRP B 106 -13.17 22.48 -21.12
N ASP B 107 -14.27 21.88 -20.65
CA ASP B 107 -15.50 22.60 -20.35
C ASP B 107 -16.27 21.87 -19.25
N PRO B 108 -15.72 21.80 -18.04
CA PRO B 108 -16.42 21.06 -16.99
C PRO B 108 -17.38 21.93 -16.20
N TYR B 109 -17.28 23.24 -16.31
CA TYR B 109 -17.95 24.15 -15.40
C TYR B 109 -19.47 24.03 -15.49
N THR B 110 -20.15 24.62 -14.52
CA THR B 110 -21.60 24.69 -14.57
C THR B 110 -22.06 25.61 -15.69
N ASP B 111 -21.62 26.87 -15.65
CA ASP B 111 -21.87 27.82 -16.73
C ASP B 111 -20.82 27.56 -17.81
N GLN B 112 -21.15 26.65 -18.73
CA GLN B 112 -20.20 26.26 -19.74
C GLN B 112 -19.90 27.42 -20.69
N LEU B 113 -18.76 27.33 -21.36
CA LEU B 113 -18.37 28.35 -22.34
C LEU B 113 -18.80 27.97 -23.74
N TYR B 114 -18.61 26.71 -24.12
CA TYR B 114 -19.02 26.21 -25.43
C TYR B 114 -20.08 25.15 -25.17
N GLN B 115 -21.33 25.59 -24.97
CA GLN B 115 -22.38 24.65 -24.64
C GLN B 115 -22.97 24.03 -25.90
N GLY B 116 -23.17 24.85 -26.94
CA GLY B 116 -23.70 24.33 -28.19
C GLY B 116 -22.83 23.24 -28.80
N LEU B 117 -21.52 23.36 -28.66
CA LEU B 117 -20.63 22.34 -29.21
C LEU B 117 -20.95 20.97 -28.64
N TRP B 118 -20.95 20.85 -27.31
CA TRP B 118 -21.22 19.55 -26.70
C TRP B 118 -22.64 19.10 -26.96
N ARG B 119 -23.60 20.03 -26.90
CA ARG B 119 -24.99 19.64 -27.13
C ARG B 119 -25.18 19.05 -28.52
N TRP B 120 -24.77 19.77 -29.57
CA TRP B 120 -25.02 19.30 -30.92
C TRP B 120 -24.10 18.14 -31.28
N GLY B 121 -22.95 18.02 -30.63
CA GLY B 121 -22.12 16.84 -30.83
C GLY B 121 -22.77 15.59 -30.27
N GLU B 122 -23.30 15.68 -29.05
CA GLU B 122 -24.07 14.57 -28.50
C GLU B 122 -25.27 14.28 -29.38
N PHE B 123 -25.90 15.31 -29.92
CA PHE B 123 -27.04 15.11 -30.82
C PHE B 123 -26.64 14.33 -32.06
N ALA B 124 -25.56 14.74 -32.73
CA ALA B 124 -25.13 14.04 -33.94
C ALA B 124 -24.71 12.60 -33.63
N PHE B 125 -24.01 12.40 -32.52
CA PHE B 125 -23.60 11.04 -32.16
C PHE B 125 -24.82 10.18 -31.84
N ASN B 126 -25.81 10.74 -31.14
CA ASN B 126 -27.02 9.98 -30.86
C ASN B 126 -27.78 9.65 -32.15
N THR B 127 -27.79 10.58 -33.10
CA THR B 127 -28.43 10.30 -34.38
C THR B 127 -27.73 9.15 -35.10
N MET B 128 -26.41 9.18 -35.15
CA MET B 128 -25.68 8.11 -35.84
C MET B 128 -25.88 6.78 -35.13
N PHE B 129 -25.91 6.79 -33.79
CA PHE B 129 -26.11 5.54 -33.06
C PHE B 129 -27.53 5.02 -33.22
N LEU B 130 -28.50 5.93 -33.34
CA LEU B 130 -29.87 5.52 -33.63
C LEU B 130 -29.98 4.89 -35.01
N ILE B 131 -29.32 5.49 -36.00
CA ILE B 131 -29.31 4.91 -37.34
C ILE B 131 -28.64 3.54 -37.31
N GLU B 132 -27.57 3.39 -36.52
CA GLU B 132 -26.92 2.10 -36.42
C GLU B 132 -27.84 1.07 -35.77
N LEU B 133 -28.57 1.48 -34.73
CA LEU B 133 -29.52 0.58 -34.09
C LEU B 133 -30.62 0.15 -35.04
N LEU B 134 -31.10 1.08 -35.86
CA LEU B 134 -32.16 0.75 -36.82
C LEU B 134 -31.65 -0.18 -37.91
N ILE B 135 -30.42 0.04 -38.38
CA ILE B 135 -29.83 -0.88 -39.35
C ILE B 135 -29.67 -2.26 -38.72
N ASN B 136 -29.26 -2.30 -37.45
CA ASN B 136 -29.17 -3.56 -36.74
C ASN B 136 -30.51 -4.29 -36.71
N PHE B 137 -31.54 -3.63 -36.16
CA PHE B 137 -32.82 -4.29 -35.97
C PHE B 137 -33.48 -4.64 -37.31
N TYR B 138 -33.29 -3.78 -38.31
CA TYR B 138 -33.83 -4.05 -39.64
C TYR B 138 -33.26 -5.33 -40.23
N GLY B 139 -32.02 -5.65 -39.87
CA GLY B 139 -31.38 -6.87 -40.32
C GLY B 139 -31.75 -8.11 -39.55
N ILE B 140 -32.30 -7.98 -38.34
CA ILE B 140 -32.73 -9.14 -37.56
C ILE B 140 -34.24 -9.20 -37.43
N ALA B 141 -34.98 -8.63 -38.39
CA ALA B 141 -36.43 -8.57 -38.46
C ALA B 141 -37.02 -7.83 -37.27
N PHE B 142 -36.26 -6.93 -36.64
CA PHE B 142 -36.71 -6.06 -35.55
C PHE B 142 -37.07 -6.82 -34.28
N CYS B 143 -36.70 -8.10 -34.18
CA CYS B 143 -37.04 -8.91 -33.00
C CYS B 143 -36.07 -8.66 -31.84
N PHE B 144 -34.79 -8.95 -32.04
CA PHE B 144 -33.66 -8.84 -31.13
C PHE B 144 -33.83 -9.69 -29.85
N TRP B 145 -34.93 -10.45 -29.70
CA TRP B 145 -34.94 -11.45 -28.65
C TRP B 145 -34.07 -12.65 -29.02
N ARG B 146 -34.14 -13.06 -30.28
CA ARG B 146 -33.45 -14.28 -30.71
C ARG B 146 -31.96 -14.23 -31.05
N TYR B 147 -31.49 -13.09 -31.52
CA TYR B 147 -30.09 -12.99 -31.94
C TYR B 147 -29.37 -11.97 -31.08
N ASN B 148 -28.39 -12.44 -30.32
CA ASN B 148 -27.50 -11.58 -29.54
C ASN B 148 -28.29 -10.66 -28.63
N TRP B 149 -29.06 -11.25 -27.72
CA TRP B 149 -30.07 -10.51 -26.96
C TRP B 149 -29.43 -9.53 -25.98
N ALA B 150 -28.27 -9.90 -25.43
CA ALA B 150 -27.67 -9.08 -24.37
C ALA B 150 -27.15 -7.75 -24.91
N TRP B 151 -26.30 -7.81 -25.94
CA TRP B 151 -25.75 -6.58 -26.50
C TRP B 151 -26.84 -5.78 -27.20
N ASN B 152 -27.78 -6.45 -27.87
CA ASN B 152 -28.89 -5.73 -28.48
C ASN B 152 -29.70 -5.00 -27.42
N THR B 153 -29.94 -5.64 -26.28
CA THR B 153 -30.67 -4.99 -25.21
C THR B 153 -29.91 -3.77 -24.68
N PHE B 154 -28.62 -3.94 -24.41
CA PHE B 154 -27.82 -2.81 -23.91
C PHE B 154 -27.81 -1.66 -24.91
N ASP B 155 -27.66 -1.99 -26.19
CA ASP B 155 -27.69 -0.96 -27.23
C ASP B 155 -29.04 -0.26 -27.28
N LEU B 156 -30.13 -1.02 -27.20
CA LEU B 156 -31.45 -0.41 -27.20
C LEU B 156 -31.61 0.52 -26.01
N VAL B 157 -31.12 0.12 -24.84
CA VAL B 157 -31.22 0.98 -23.66
C VAL B 157 -30.46 2.28 -23.88
N VAL B 158 -29.21 2.19 -24.33
CA VAL B 158 -28.40 3.41 -24.41
C VAL B 158 -28.93 4.34 -25.49
N VAL B 159 -29.41 3.78 -26.61
CA VAL B 159 -29.94 4.66 -27.66
C VAL B 159 -31.30 5.21 -27.27
N ALA B 160 -32.07 4.47 -26.47
CA ALA B 160 -33.31 5.02 -25.95
C ALA B 160 -33.04 6.22 -25.05
N ILE B 161 -32.03 6.10 -24.19
CA ILE B 161 -31.65 7.23 -23.36
C ILE B 161 -31.10 8.37 -24.20
N GLY B 162 -30.40 8.04 -25.29
CA GLY B 162 -29.91 9.09 -26.17
C GLY B 162 -31.03 9.83 -26.88
N THR B 163 -32.07 9.11 -27.31
CA THR B 163 -33.23 9.75 -27.88
C THR B 163 -33.97 10.60 -26.85
N LEU B 164 -34.04 10.11 -25.61
CA LEU B 164 -34.56 10.95 -24.53
C LEU B 164 -33.75 12.23 -24.40
N THR B 165 -32.43 12.13 -24.58
CA THR B 165 -31.58 13.32 -24.48
C THR B 165 -31.82 14.27 -25.64
N MET B 166 -32.04 13.73 -26.83
CA MET B 166 -32.41 14.56 -27.97
C MET B 166 -33.69 15.32 -27.70
N ALA B 167 -34.74 14.61 -27.25
CA ALA B 167 -36.00 15.26 -26.90
C ALA B 167 -35.80 16.30 -25.81
N GLU B 168 -35.00 15.97 -24.79
CA GLU B 168 -34.75 16.89 -23.69
C GLU B 168 -34.07 18.16 -24.19
N ALA B 169 -33.16 18.00 -25.15
CA ALA B 169 -32.42 19.14 -25.67
C ALA B 169 -33.30 20.02 -26.55
N ILE B 170 -34.24 19.41 -27.27
CA ILE B 170 -35.08 20.17 -28.19
C ILE B 170 -36.32 20.75 -27.53
N GLY B 171 -37.22 19.93 -27.02
CA GLY B 171 -38.56 20.42 -26.71
C GLY B 171 -39.01 20.32 -25.28
N GLY B 172 -38.10 20.49 -24.32
CA GLY B 172 -38.50 20.59 -22.94
C GLY B 172 -37.77 19.67 -21.99
N ASN B 173 -37.96 19.88 -20.68
CA ASN B 173 -37.35 19.03 -19.67
C ASN B 173 -38.31 17.88 -19.32
N PHE B 174 -38.32 16.87 -20.20
CA PHE B 174 -39.16 15.70 -19.99
C PHE B 174 -38.91 15.00 -18.66
N MET B 175 -37.66 14.95 -18.20
CA MET B 175 -37.33 14.24 -16.99
C MET B 175 -37.25 15.21 -15.82
N PRO B 176 -37.66 14.80 -14.62
CA PRO B 176 -37.47 15.66 -13.43
C PRO B 176 -36.00 15.91 -13.19
N PRO B 177 -35.65 17.03 -12.53
CA PRO B 177 -34.24 17.29 -12.22
C PRO B 177 -33.60 16.24 -11.33
N SER B 178 -34.38 15.28 -10.84
CA SER B 178 -33.85 14.30 -9.88
C SER B 178 -32.97 13.26 -10.54
N MET B 179 -33.42 12.66 -11.64
CA MET B 179 -32.77 11.46 -12.16
C MET B 179 -31.79 11.74 -13.29
N ALA B 180 -31.08 12.87 -13.23
CA ALA B 180 -30.05 13.16 -14.22
C ALA B 180 -28.97 12.07 -14.23
N LEU B 181 -28.88 11.30 -13.15
CA LEU B 181 -27.92 10.19 -13.13
C LEU B 181 -28.08 9.30 -14.36
N ILE B 182 -29.22 9.41 -15.04
CA ILE B 182 -29.44 8.64 -16.26
C ILE B 182 -28.92 9.41 -17.48
N ARG B 183 -28.97 10.75 -17.47
CA ARG B 183 -28.21 11.44 -18.50
C ARG B 183 -26.73 11.14 -18.40
N ASN B 184 -26.23 10.87 -17.19
CA ASN B 184 -24.82 10.54 -17.05
C ASN B 184 -24.45 9.20 -17.66
N LEU B 185 -25.42 8.47 -18.21
CA LEU B 185 -25.15 7.15 -18.77
C LEU B 185 -24.46 7.19 -20.13
N ARG B 186 -24.16 8.39 -20.65
CA ARG B 186 -23.42 8.46 -21.91
C ARG B 186 -22.04 7.84 -21.76
N ALA B 187 -21.40 8.01 -20.61
CA ALA B 187 -20.04 7.50 -20.41
C ALA B 187 -19.98 6.00 -20.62
N PHE B 188 -21.08 5.30 -20.37
CA PHE B 188 -21.08 3.85 -20.45
C PHE B 188 -21.39 3.33 -21.84
N ARG B 189 -21.50 4.22 -22.84
CA ARG B 189 -21.63 3.74 -24.22
C ARG B 189 -20.36 3.04 -24.67
N ILE B 190 -19.22 3.44 -24.13
CA ILE B 190 -17.93 2.86 -24.51
C ILE B 190 -17.90 1.35 -24.28
N PHE B 191 -18.74 0.84 -23.38
CA PHE B 191 -18.77 -0.60 -23.15
C PHE B 191 -19.16 -1.36 -24.40
N ARG B 192 -19.80 -0.69 -25.35
CA ARG B 192 -20.18 -1.36 -26.59
C ARG B 192 -18.97 -1.68 -27.44
N LEU B 193 -17.84 -1.02 -27.16
CA LEU B 193 -16.60 -1.33 -27.87
C LEU B 193 -16.07 -2.71 -27.50
N PHE B 194 -16.44 -3.22 -26.32
CA PHE B 194 -15.92 -4.51 -25.87
C PHE B 194 -16.45 -5.66 -26.72
N LYS B 195 -17.60 -5.45 -27.38
CA LYS B 195 -18.17 -6.52 -28.19
C LYS B 195 -17.42 -6.69 -29.50
N ARG B 196 -16.88 -5.60 -30.05
CA ARG B 196 -16.30 -5.65 -31.38
C ARG B 196 -14.85 -6.13 -31.35
N ILE B 197 -14.08 -5.69 -30.36
CA ILE B 197 -12.69 -6.05 -30.23
C ILE B 197 -12.60 -7.36 -29.47
N LYS B 198 -12.12 -8.40 -30.16
CA LYS B 198 -12.05 -9.74 -29.58
C LYS B 198 -11.15 -9.93 -28.37
N SER B 199 -10.21 -9.01 -28.13
CA SER B 199 -9.34 -9.13 -26.96
C SER B 199 -10.02 -8.63 -25.70
N LEU B 200 -10.60 -7.43 -25.75
CA LEU B 200 -11.34 -6.92 -24.60
C LEU B 200 -12.51 -7.83 -24.27
N ASN B 201 -13.15 -8.40 -25.29
CA ASN B 201 -14.22 -9.34 -25.04
C ASN B 201 -13.71 -10.57 -24.31
N LYS B 202 -12.54 -11.04 -24.71
CA LYS B 202 -11.91 -12.21 -24.11
C LYS B 202 -11.58 -11.97 -22.64
N ILE B 203 -11.23 -10.74 -22.29
CA ILE B 203 -10.93 -10.36 -20.91
C ILE B 203 -12.21 -10.28 -20.09
N ILE B 204 -13.26 -9.64 -20.63
CA ILE B 204 -14.45 -9.45 -19.80
C ILE B 204 -15.22 -10.75 -19.66
N VAL B 205 -15.19 -11.63 -20.65
CA VAL B 205 -15.84 -12.93 -20.47
C VAL B 205 -15.11 -13.76 -19.43
N SER B 206 -13.78 -13.72 -19.42
CA SER B 206 -13.07 -14.42 -18.36
C SER B 206 -13.41 -13.84 -17.00
N LEU B 207 -13.47 -12.52 -16.90
CA LEU B 207 -13.83 -11.88 -15.64
C LEU B 207 -15.23 -12.32 -15.17
N GLY B 208 -16.18 -12.37 -16.10
CA GLY B 208 -17.53 -12.74 -15.74
C GLY B 208 -17.63 -14.20 -15.31
N LYS B 209 -16.87 -15.08 -15.96
CA LYS B 209 -16.91 -16.48 -15.55
C LYS B 209 -15.98 -16.74 -14.38
N ALA B 210 -15.27 -15.71 -13.91
CA ALA B 210 -14.44 -15.88 -12.72
C ALA B 210 -15.14 -15.36 -11.47
N ILE B 211 -16.04 -14.38 -11.62
CA ILE B 211 -16.64 -13.75 -10.44
C ILE B 211 -17.45 -14.71 -9.57
N PRO B 212 -18.30 -15.60 -10.11
CA PRO B 212 -19.03 -16.51 -9.22
C PRO B 212 -18.13 -17.37 -8.34
N GLY B 213 -16.96 -17.77 -8.83
CA GLY B 213 -16.03 -18.49 -7.98
C GLY B 213 -15.53 -17.64 -6.83
N VAL B 214 -15.36 -16.34 -7.06
CA VAL B 214 -14.95 -15.42 -6.00
C VAL B 214 -16.04 -15.26 -4.96
N ALA B 215 -17.31 -15.36 -5.37
CA ALA B 215 -18.44 -15.07 -4.49
C ALA B 215 -18.27 -15.65 -3.08
N ASN B 216 -17.79 -16.90 -2.96
CA ASN B 216 -17.74 -17.55 -1.66
C ASN B 216 -16.74 -16.86 -0.72
N ALA B 217 -15.49 -16.72 -1.18
CA ALA B 217 -14.47 -16.06 -0.36
C ALA B 217 -14.86 -14.60 -0.10
N PHE B 218 -15.53 -13.97 -1.05
CA PHE B 218 -15.99 -12.61 -0.82
C PHE B 218 -17.01 -12.55 0.31
N VAL B 219 -17.93 -13.51 0.34
CA VAL B 219 -18.95 -13.52 1.39
C VAL B 219 -18.32 -13.80 2.74
N ILE B 220 -17.28 -14.65 2.77
CA ILE B 220 -16.58 -14.90 4.03
C ILE B 220 -15.89 -13.64 4.52
N MET B 221 -15.20 -12.96 3.62
CA MET B 221 -14.50 -11.73 4.00
C MET B 221 -15.49 -10.67 4.49
N VAL B 222 -16.66 -10.59 3.85
CA VAL B 222 -17.64 -9.58 4.27
C VAL B 222 -18.25 -9.96 5.61
N ILE B 223 -18.45 -11.25 5.86
CA ILE B 223 -18.94 -11.68 7.16
C ILE B 223 -17.99 -11.26 8.25
N ILE B 224 -16.69 -11.46 8.03
CA ILE B 224 -15.70 -11.08 9.03
C ILE B 224 -15.64 -9.56 9.19
N MET B 225 -15.78 -8.83 8.09
CA MET B 225 -15.78 -7.37 8.19
C MET B 225 -16.98 -6.86 8.98
N CYS B 226 -18.15 -7.47 8.82
CA CYS B 226 -19.30 -7.04 9.61
C CYS B 226 -19.15 -7.43 11.07
N ILE B 227 -18.54 -8.58 11.36
CA ILE B 227 -18.24 -8.91 12.75
C ILE B 227 -17.38 -7.83 13.37
N TYR B 228 -16.29 -7.46 12.68
CA TYR B 228 -15.40 -6.44 13.22
C TYR B 228 -16.07 -5.09 13.29
N ALA B 229 -17.06 -4.84 12.41
CA ALA B 229 -17.76 -3.57 12.46
C ALA B 229 -18.67 -3.49 13.69
N ILE B 230 -19.37 -4.57 14.00
CA ILE B 230 -20.15 -4.61 15.23
C ILE B 230 -19.26 -4.42 16.44
N LEU B 231 -18.14 -5.15 16.48
CA LEU B 231 -17.21 -5.02 17.60
C LEU B 231 -16.70 -3.59 17.70
N GLY B 232 -16.37 -2.98 16.57
CA GLY B 232 -15.83 -1.63 16.59
C GLY B 232 -16.84 -0.61 17.05
N VAL B 233 -18.09 -0.75 16.62
CA VAL B 233 -19.13 0.18 17.10
C VAL B 233 -19.34 0.00 18.59
N GLU B 234 -19.30 -1.23 19.07
CA GLU B 234 -19.50 -1.43 20.51
C GLU B 234 -18.35 -0.83 21.31
N PHE B 235 -17.13 -0.97 20.80
CA PHE B 235 -15.96 -0.55 21.58
C PHE B 235 -15.69 0.94 21.42
N TYR B 236 -15.39 1.39 20.20
CA TYR B 236 -14.82 2.71 19.98
C TYR B 236 -15.80 3.79 19.58
N HIS B 237 -17.11 3.50 19.50
CA HIS B 237 -18.04 4.48 18.99
C HIS B 237 -18.13 5.73 19.85
N MET B 238 -17.48 5.76 21.01
CA MET B 238 -17.45 6.94 21.84
C MET B 238 -16.04 7.39 22.20
N THR B 239 -15.02 6.91 21.49
CA THR B 239 -13.66 7.34 21.75
C THR B 239 -13.49 8.82 21.41
N GLY B 240 -13.10 9.60 22.40
CA GLY B 240 -12.89 11.02 22.16
C GLY B 240 -14.16 11.81 21.99
N SER B 241 -15.26 11.35 22.58
CA SER B 241 -16.55 12.02 22.42
C SER B 241 -16.50 13.46 22.94
N ASP B 242 -15.69 13.72 23.98
CA ASP B 242 -15.57 15.09 24.47
C ASP B 242 -14.85 15.96 23.45
N GLY B 243 -14.21 15.33 22.46
CA GLY B 243 -13.31 16.00 21.55
C GLY B 243 -11.86 15.88 21.93
N THR B 244 -11.56 15.31 23.10
CA THR B 244 -10.19 15.18 23.59
C THR B 244 -9.99 13.86 24.33
N TYR B 245 -8.81 13.29 24.19
CA TYR B 245 -8.47 12.10 24.94
C TYR B 245 -7.13 12.38 25.61
N VAL B 246 -6.84 11.68 26.69
CA VAL B 246 -5.58 11.89 27.39
C VAL B 246 -4.66 10.72 27.14
N THR B 247 -3.39 11.03 26.96
CA THR B 247 -2.36 10.03 26.77
C THR B 247 -1.34 10.27 27.87
N TYR B 248 -0.73 9.20 28.37
CA TYR B 248 0.22 9.33 29.46
C TYR B 248 1.65 9.05 29.01
N ASN B 249 2.59 9.83 29.55
CA ASN B 249 3.99 9.73 29.19
C ASN B 249 4.89 9.41 30.37
N ASP B 250 6.04 8.83 30.08
CA ASP B 250 7.02 8.50 31.11
C ASP B 250 8.01 9.62 31.30
N ASN B 251 7.56 10.85 31.43
CA ASN B 251 8.54 11.91 31.62
C ASN B 251 9.45 11.77 32.82
N VAL B 252 8.92 11.47 33.99
CA VAL B 252 9.81 11.31 35.13
C VAL B 252 10.70 10.06 35.00
N LYS B 253 10.10 8.98 34.55
CA LYS B 253 10.77 7.71 34.38
C LYS B 253 11.87 7.70 33.33
N ARG B 254 11.63 8.40 32.22
CA ARG B 254 12.58 8.46 31.10
C ARG B 254 13.71 9.42 31.31
N GLY B 255 13.53 10.39 32.20
CA GLY B 255 14.54 11.39 32.39
C GLY B 255 14.16 12.80 32.02
N LEU B 256 12.97 13.03 31.48
CA LEU B 256 12.63 14.36 30.98
C LEU B 256 12.27 15.30 32.13
N CYS B 257 11.75 14.76 33.22
CA CYS B 257 11.47 15.54 34.41
C CYS B 257 11.72 14.68 35.64
N THR B 258 11.82 15.34 36.79
CA THR B 258 11.98 14.62 38.05
C THR B 258 10.64 14.52 38.77
N GLY B 259 10.50 13.47 39.58
CA GLY B 259 9.21 13.15 40.16
C GLY B 259 8.65 14.26 41.03
N ASP B 260 9.51 15.12 41.55
CA ASP B 260 9.05 16.17 42.46
C ASP B 260 8.27 17.25 41.71
N GLU B 261 8.71 17.58 40.48
CA GLU B 261 8.03 18.61 39.71
C GLU B 261 6.61 18.20 39.35
N VAL B 262 6.39 16.90 39.19
CA VAL B 262 5.05 16.40 38.89
C VAL B 262 4.13 16.62 40.09
N GLU B 263 4.56 16.18 41.27
CA GLU B 263 3.74 16.32 42.46
C GLU B 263 3.53 17.79 42.81
N LEU B 264 4.50 18.64 42.49
CA LEU B 264 4.33 20.07 42.76
C LEU B 264 3.42 20.71 41.72
N GLY B 265 3.48 20.23 40.48
CA GLY B 265 2.63 20.74 39.42
C GLY B 265 3.36 21.35 38.25
N GLN B 266 4.69 21.25 38.21
CA GLN B 266 5.47 21.87 37.14
C GLN B 266 5.36 21.06 35.86
N CYS B 267 5.32 19.75 35.97
CA CYS B 267 5.15 18.87 34.81
C CYS B 267 3.96 17.95 35.05
N SER B 268 3.60 17.19 34.02
CA SER B 268 2.50 16.25 34.11
C SER B 268 2.85 14.99 33.36
N LEU B 269 2.05 13.95 33.59
CA LEU B 269 2.18 12.70 32.85
C LEU B 269 1.05 12.46 31.87
N ASN B 270 0.14 13.43 31.69
CA ASN B 270 -0.97 13.29 30.77
C ASN B 270 -1.04 14.49 29.84
N GLN B 271 -1.40 14.25 28.59
CA GLN B 271 -1.53 15.31 27.62
C GLN B 271 -2.94 15.21 27.11
N THR B 272 -3.71 16.29 27.21
CA THR B 272 -5.09 16.29 26.72
C THR B 272 -5.14 16.58 25.22
N VAL B 273 -4.66 15.66 24.40
CA VAL B 273 -4.70 15.77 22.95
C VAL B 273 -6.13 15.83 22.46
N SER B 274 -6.39 16.59 21.40
CA SER B 274 -7.73 16.77 20.85
C SER B 274 -8.03 15.67 19.84
N SER B 275 -9.31 15.36 19.68
CA SER B 275 -9.75 14.21 18.90
C SER B 275 -10.50 14.58 17.64
N GLU B 276 -10.74 15.86 17.37
CA GLU B 276 -11.43 16.27 16.15
C GLU B 276 -10.66 15.82 14.92
N THR B 277 -11.38 15.29 13.94
CA THR B 277 -10.79 14.96 12.66
C THR B 277 -10.86 16.16 11.71
N ALA B 278 -10.32 15.99 10.51
CA ALA B 278 -10.39 17.06 9.52
C ALA B 278 -11.76 17.09 8.86
N ARG B 279 -12.72 16.38 9.43
CA ARG B 279 -14.09 16.38 8.94
C ARG B 279 -14.99 17.06 9.94
N GLY B 280 -14.42 17.46 11.07
CA GLY B 280 -15.18 18.15 12.10
C GLY B 280 -15.72 17.27 13.18
N TYR B 281 -15.53 15.96 13.11
CA TYR B 281 -16.10 15.01 14.05
C TYR B 281 -15.21 14.83 15.26
N THR B 282 -15.53 13.79 16.02
CA THR B 282 -14.59 13.18 16.94
C THR B 282 -14.16 11.84 16.39
N TYR B 283 -13.11 11.28 16.97
CA TYR B 283 -12.56 10.02 16.44
C TYR B 283 -13.62 8.94 16.40
N GLY B 284 -14.40 8.80 17.47
CA GLY B 284 -15.34 7.70 17.55
C GLY B 284 -16.51 7.86 16.60
N GLU B 285 -17.10 9.06 16.57
CA GLU B 285 -18.28 9.29 15.76
C GLU B 285 -18.01 9.05 14.28
N GLU B 286 -16.86 9.48 13.80
CA GLU B 286 -16.59 9.37 12.37
C GLU B 286 -16.20 7.95 11.99
N TYR B 287 -15.29 7.34 12.76
CA TYR B 287 -14.71 6.08 12.32
C TYR B 287 -15.60 4.90 12.69
N TYR B 288 -16.27 4.97 13.84
CA TYR B 288 -17.14 3.87 14.28
C TYR B 288 -18.44 4.39 14.86
N GLY B 289 -18.94 5.53 14.39
CA GLY B 289 -20.15 6.08 14.96
C GLY B 289 -21.36 5.20 14.77
N THR B 290 -21.47 4.56 13.61
CA THR B 290 -22.52 3.61 13.30
C THR B 290 -21.91 2.37 12.67
N PHE B 291 -22.78 1.45 12.26
CA PHE B 291 -22.29 0.18 11.71
C PHE B 291 -21.79 0.35 10.29
N PHE B 292 -22.38 1.25 9.53
CA PHE B 292 -21.92 1.45 8.16
C PHE B 292 -20.69 2.35 8.12
N ARG B 293 -20.62 3.33 9.01
CA ARG B 293 -19.37 4.06 9.19
C ARG B 293 -18.23 3.13 9.61
N ALA B 294 -18.51 2.19 10.51
CA ALA B 294 -17.48 1.27 10.92
C ALA B 294 -17.11 0.31 9.80
N LEU B 295 -18.09 -0.14 9.02
CA LEU B 295 -17.78 -1.02 7.90
C LEU B 295 -16.96 -0.29 6.86
N TYR B 296 -17.20 1.01 6.68
CA TYR B 296 -16.38 1.78 5.75
C TYR B 296 -14.98 2.00 6.30
N THR B 297 -14.86 2.32 7.59
CA THR B 297 -13.55 2.40 8.24
C THR B 297 -12.77 1.11 8.06
N LEU B 298 -13.44 -0.03 8.19
CA LEU B 298 -12.74 -1.30 8.06
C LEU B 298 -12.41 -1.59 6.59
N PHE B 299 -13.18 -1.05 5.66
CA PHE B 299 -12.77 -1.14 4.26
C PHE B 299 -11.49 -0.33 4.03
N GLN B 300 -11.45 0.90 4.54
CA GLN B 300 -10.24 1.72 4.40
C GLN B 300 -9.05 1.05 5.06
N VAL B 301 -9.27 0.32 6.15
CA VAL B 301 -8.18 -0.42 6.79
C VAL B 301 -7.81 -1.64 5.97
N LEU B 302 -8.79 -2.26 5.32
CA LEU B 302 -8.52 -3.41 4.47
C LEU B 302 -7.67 -3.02 3.27
N THR B 303 -7.83 -1.79 2.78
CA THR B 303 -6.98 -1.35 1.68
C THR B 303 -5.69 -0.74 2.16
N GLY B 304 -5.49 -0.62 3.47
CA GLY B 304 -4.24 -0.17 4.02
C GLY B 304 -4.06 1.32 4.13
N GLU B 305 -5.14 2.09 4.04
CA GLU B 305 -5.07 3.54 3.96
C GLU B 305 -5.11 4.14 5.35
N SER B 306 -3.98 4.71 5.80
CA SER B 306 -3.87 5.43 7.07
C SER B 306 -4.52 4.69 8.23
N TRP B 307 -4.41 3.35 8.22
CA TRP B 307 -5.09 2.56 9.24
C TRP B 307 -4.49 2.80 10.62
N SER B 308 -3.23 3.24 10.67
CA SER B 308 -2.57 3.40 11.97
C SER B 308 -2.64 4.85 12.46
N GLU B 309 -2.15 5.78 11.65
CA GLU B 309 -2.00 7.15 12.12
C GLU B 309 -3.36 7.82 12.31
N ALA B 310 -4.36 7.38 11.55
CA ALA B 310 -5.67 8.02 11.65
C ALA B 310 -6.64 7.17 12.45
N VAL B 311 -6.65 5.86 12.22
CA VAL B 311 -7.63 4.97 12.82
C VAL B 311 -7.08 4.34 14.10
N ALA B 312 -6.01 3.58 13.98
CA ALA B 312 -5.59 2.71 15.08
C ALA B 312 -4.95 3.50 16.22
N ARG B 313 -3.91 4.28 15.92
CA ARG B 313 -3.06 4.82 16.98
C ARG B 313 -3.79 5.69 18.00
N PRO B 314 -4.77 6.53 17.63
CA PRO B 314 -5.50 7.25 18.69
C PRO B 314 -6.24 6.33 19.63
N ALA B 315 -6.80 5.23 19.10
CA ALA B 315 -7.44 4.24 19.96
C ALA B 315 -6.43 3.53 20.83
N VAL B 316 -5.33 3.07 20.23
CA VAL B 316 -4.31 2.31 20.95
C VAL B 316 -3.74 3.13 22.09
N PHE B 317 -3.51 4.42 21.87
CA PHE B 317 -2.90 5.23 22.90
C PHE B 317 -3.90 6.00 23.74
N GLU B 318 -5.20 5.90 23.43
CA GLU B 318 -6.21 6.40 24.34
C GLU B 318 -6.23 5.61 25.63
N SER B 319 -6.18 4.28 25.51
CA SER B 319 -6.12 3.40 26.67
C SER B 319 -4.78 3.56 27.37
N HIS B 320 -4.81 3.66 28.69
CA HIS B 320 -3.57 3.77 29.44
C HIS B 320 -2.81 2.45 29.47
N TYR B 321 -3.41 1.41 30.04
CA TYR B 321 -2.72 0.14 30.27
C TYR B 321 -3.35 -1.00 29.49
N ASP B 322 -4.52 -0.80 28.91
CA ASP B 322 -5.17 -1.82 28.10
C ASP B 322 -4.98 -1.57 26.61
N SER B 323 -3.78 -1.16 26.20
CA SER B 323 -3.49 -0.97 24.79
C SER B 323 -3.49 -2.29 24.02
N PHE B 324 -3.56 -3.42 24.71
CA PHE B 324 -3.61 -4.70 24.01
C PHE B 324 -4.93 -4.87 23.28
N GLY B 325 -5.98 -4.21 23.75
CA GLY B 325 -7.28 -4.32 23.15
C GLY B 325 -7.32 -3.84 21.72
N PRO B 326 -7.15 -2.52 21.52
CA PRO B 326 -7.15 -2.00 20.14
C PRO B 326 -6.02 -2.55 19.29
N VAL B 327 -4.85 -2.79 19.88
CA VAL B 327 -3.75 -3.37 19.13
C VAL B 327 -4.15 -4.72 18.57
N LEU B 328 -4.69 -5.59 19.40
CA LEU B 328 -5.11 -6.90 18.92
C LEU B 328 -6.25 -6.78 17.93
N PHE B 329 -7.19 -5.86 18.17
CA PHE B 329 -8.27 -5.61 17.22
C PHE B 329 -7.72 -5.36 15.83
N TYR B 330 -6.89 -4.33 15.69
CA TYR B 330 -6.43 -3.92 14.36
C TYR B 330 -5.42 -4.91 13.77
N VAL B 331 -4.56 -5.48 14.61
CA VAL B 331 -3.58 -6.45 14.11
C VAL B 331 -4.28 -7.71 13.61
N SER B 332 -5.25 -8.21 14.37
CA SER B 332 -5.99 -9.39 13.94
C SER B 332 -6.77 -9.09 12.67
N PHE B 333 -7.44 -7.93 12.62
CA PHE B 333 -8.18 -7.58 11.41
C PHE B 333 -7.24 -7.54 10.21
N ILE B 334 -6.14 -6.81 10.33
CA ILE B 334 -5.22 -6.68 9.21
C ILE B 334 -4.71 -8.04 8.77
N ILE B 335 -4.13 -8.80 9.70
CA ILE B 335 -3.62 -10.12 9.33
C ILE B 335 -4.72 -10.90 8.61
N ILE B 336 -5.81 -11.21 9.32
CA ILE B 336 -6.84 -12.09 8.77
C ILE B 336 -7.35 -11.54 7.44
N CYS B 337 -8.08 -10.42 7.51
CA CYS B 337 -8.73 -9.90 6.33
C CYS B 337 -7.72 -9.54 5.26
N GLN B 338 -6.87 -8.54 5.52
CA GLN B 338 -5.96 -8.07 4.49
C GLN B 338 -5.17 -9.23 3.91
N ILE B 339 -4.26 -9.79 4.69
CA ILE B 339 -3.33 -10.74 4.11
C ILE B 339 -4.08 -11.96 3.63
N VAL B 340 -4.67 -12.72 4.56
CA VAL B 340 -5.17 -14.02 4.17
C VAL B 340 -6.35 -13.87 3.22
N LEU B 341 -7.35 -13.08 3.60
CA LEU B 341 -8.59 -13.09 2.84
C LEU B 341 -8.43 -12.38 1.50
N ILE B 342 -7.77 -11.22 1.46
CA ILE B 342 -7.62 -10.59 0.16
C ILE B 342 -6.79 -11.46 -0.77
N ASN B 343 -5.74 -12.10 -0.25
CA ASN B 343 -4.92 -12.92 -1.14
C ASN B 343 -5.68 -14.15 -1.60
N VAL B 344 -6.59 -14.67 -0.78
CA VAL B 344 -7.38 -15.84 -1.22
C VAL B 344 -8.41 -15.42 -2.27
N VAL B 345 -9.07 -14.28 -2.05
CA VAL B 345 -10.01 -13.77 -3.06
C VAL B 345 -9.30 -13.56 -4.39
N VAL B 346 -8.19 -12.84 -4.39
CA VAL B 346 -7.47 -12.57 -5.62
C VAL B 346 -6.93 -13.84 -6.23
N ALA B 347 -6.53 -14.80 -5.39
CA ALA B 347 -5.96 -16.05 -5.90
C ALA B 347 -7.02 -16.87 -6.61
N VAL B 348 -8.22 -16.96 -6.04
CA VAL B 348 -9.27 -17.73 -6.70
C VAL B 348 -9.74 -17.00 -7.94
N LEU B 349 -9.73 -15.67 -7.92
CA LEU B 349 -10.05 -14.89 -9.11
C LEU B 349 -9.10 -15.21 -10.25
N LEU B 350 -7.80 -15.03 -10.02
CA LEU B 350 -6.80 -15.31 -11.06
C LEU B 350 -6.82 -16.77 -11.46
N ASP B 351 -7.11 -17.67 -10.52
CA ASP B 351 -7.19 -19.08 -10.86
C ASP B 351 -8.32 -19.34 -11.85
N LYS B 352 -9.47 -18.74 -11.58
CA LYS B 352 -10.61 -18.90 -12.46
C LYS B 352 -10.32 -18.31 -13.83
N MET B 353 -9.63 -17.18 -13.86
CA MET B 353 -9.32 -16.53 -15.13
C MET B 353 -8.33 -17.35 -15.95
N VAL B 354 -7.33 -17.94 -15.29
CA VAL B 354 -6.39 -18.79 -16.01
C VAL B 354 -7.06 -20.09 -16.43
N GLU B 355 -8.09 -20.51 -15.68
CA GLU B 355 -8.92 -21.62 -16.11
C GLU B 355 -9.60 -21.31 -17.43
N GLU B 356 -10.17 -20.11 -17.54
CA GLU B 356 -10.91 -19.77 -18.75
C GLU B 356 -9.97 -19.47 -19.91
N ASP B 357 -8.78 -18.94 -19.60
CA ASP B 357 -7.78 -18.70 -20.62
C ASP B 357 -7.33 -19.99 -21.29
N ASP B 358 -7.37 -21.10 -20.55
CA ASP B 358 -6.91 -22.38 -21.09
C ASP B 358 -7.94 -23.48 -20.83
N TRP C 69 43.03 -35.29 18.57
CA TRP C 69 44.07 -34.71 19.42
C TRP C 69 43.76 -34.92 20.90
N LEU C 70 42.63 -34.38 21.34
CA LEU C 70 42.20 -34.52 22.72
C LEU C 70 41.84 -35.97 23.02
N PRO C 71 42.10 -36.43 24.26
CA PRO C 71 41.84 -37.82 24.66
C PRO C 71 40.38 -38.27 24.62
N HIS C 72 39.47 -37.42 25.10
CA HIS C 72 38.05 -37.78 25.13
C HIS C 72 37.19 -36.96 24.18
N GLN C 73 37.83 -36.34 23.20
CA GLN C 73 37.11 -35.50 22.25
C GLN C 73 36.04 -36.25 21.48
N ARG C 74 36.33 -37.47 21.05
CA ARG C 74 35.36 -38.25 20.28
C ARG C 74 34.00 -38.39 20.97
N LYS C 75 34.00 -38.58 22.28
CA LYS C 75 32.75 -38.70 23.02
C LYS C 75 32.19 -37.34 23.38
N VAL C 76 33.05 -36.36 23.67
CA VAL C 76 32.58 -35.01 23.96
C VAL C 76 31.91 -34.42 22.73
N PHE C 77 32.49 -34.67 21.55
CA PHE C 77 31.92 -34.12 20.32
C PHE C 77 30.55 -34.72 20.04
N ASP C 78 30.44 -36.05 20.14
CA ASP C 78 29.15 -36.68 19.91
C ASP C 78 28.16 -36.36 21.03
N PHE C 79 28.65 -35.91 22.18
CA PHE C 79 27.74 -35.42 23.21
C PHE C 79 27.21 -34.05 22.86
N TYR C 80 28.05 -33.17 22.32
CA TYR C 80 27.58 -31.84 21.94
C TYR C 80 26.65 -31.91 20.73
N ALA C 81 26.79 -32.94 19.90
CA ALA C 81 25.88 -33.13 18.78
C ALA C 81 24.57 -33.79 19.19
N SER C 82 24.40 -34.12 20.47
CA SER C 82 23.19 -34.81 20.91
C SER C 82 21.96 -33.93 20.70
N GLN C 83 20.81 -34.59 20.54
CA GLN C 83 19.57 -33.87 20.36
C GLN C 83 19.27 -32.99 21.56
N GLY C 84 19.38 -33.54 22.77
CA GLY C 84 18.96 -32.82 23.96
C GLY C 84 19.84 -31.63 24.24
N VAL C 85 21.14 -31.75 23.99
CA VAL C 85 22.04 -30.65 24.27
C VAL C 85 21.81 -29.50 23.30
N GLN C 86 21.53 -29.83 22.03
CA GLN C 86 21.20 -28.79 21.07
C GLN C 86 19.88 -28.12 21.43
N TYR C 87 18.89 -28.89 21.87
CA TYR C 87 17.62 -28.28 22.28
C TYR C 87 17.81 -27.42 23.52
N PHE C 88 18.72 -27.80 24.41
CA PHE C 88 18.95 -27.00 25.61
C PHE C 88 19.65 -25.70 25.27
N THR C 89 20.66 -25.76 24.39
CA THR C 89 21.29 -24.54 23.92
C THR C 89 20.28 -23.65 23.20
N ALA C 90 19.36 -24.24 22.45
CA ALA C 90 18.32 -23.47 21.80
C ALA C 90 17.42 -22.77 22.81
N PHE C 91 17.02 -23.50 23.86
CA PHE C 91 16.22 -22.91 24.92
C PHE C 91 16.96 -21.73 25.54
N LEU C 92 18.26 -21.89 25.73
CA LEU C 92 19.09 -20.84 26.35
C LEU C 92 19.24 -19.62 25.44
N ILE C 93 19.33 -19.86 24.14
CA ILE C 93 19.37 -18.78 23.17
C ILE C 93 18.06 -17.99 23.20
N VAL C 94 16.93 -18.70 23.17
CA VAL C 94 15.64 -18.02 23.17
C VAL C 94 15.43 -17.27 24.48
N SER C 95 15.89 -17.84 25.59
CA SER C 95 15.75 -17.16 26.86
C SER C 95 16.58 -15.89 26.91
N ASN C 96 17.78 -15.92 26.31
CA ASN C 96 18.60 -14.72 26.27
C ASN C 96 17.97 -13.65 25.39
N PHE C 97 17.40 -14.05 24.26
CA PHE C 97 16.72 -13.08 23.42
C PHE C 97 15.52 -12.48 24.13
N ILE C 98 14.75 -13.31 24.84
CA ILE C 98 13.62 -12.81 25.60
C ILE C 98 14.10 -11.89 26.72
N PHE C 99 15.29 -12.16 27.25
CA PHE C 99 15.86 -11.28 28.27
C PHE C 99 16.17 -9.90 27.71
N ASN C 100 16.74 -9.86 26.49
CA ASN C 100 17.00 -8.56 25.86
C ASN C 100 15.71 -7.83 25.52
N CYS C 101 14.74 -8.55 24.95
CA CYS C 101 13.42 -7.98 24.69
C CYS C 101 12.83 -7.39 25.94
N ALA C 102 12.88 -8.14 27.05
CA ALA C 102 12.30 -7.67 28.30
C ALA C 102 13.05 -6.48 28.85
N GLU C 103 14.37 -6.43 28.65
CA GLU C 103 15.11 -5.24 29.06
C GLU C 103 14.61 -4.02 28.32
N LYS C 104 14.39 -4.15 27.01
CA LYS C 104 13.94 -3.00 26.25
C LYS C 104 12.49 -2.66 26.52
N GLU C 105 11.70 -3.63 26.99
CA GLU C 105 10.30 -3.35 27.26
C GLU C 105 10.09 -2.73 28.64
N TRP C 106 10.69 -3.30 29.68
CA TRP C 106 10.44 -2.86 31.04
C TRP C 106 11.49 -1.89 31.58
N ASP C 107 12.61 -1.71 30.89
CA ASP C 107 13.71 -0.88 31.36
C ASP C 107 14.48 -0.32 30.16
N PRO C 108 13.84 0.54 29.35
CA PRO C 108 14.55 1.06 28.19
C PRO C 108 15.33 2.32 28.46
N TYR C 109 15.06 2.98 29.58
CA TYR C 109 15.53 4.34 29.80
C TYR C 109 17.05 4.40 29.85
N THR C 110 17.57 5.63 29.78
CA THR C 110 19.00 5.84 29.96
C THR C 110 19.42 5.55 31.40
N ASP C 111 18.81 6.24 32.35
CA ASP C 111 19.02 5.97 33.78
C ASP C 111 18.11 4.81 34.14
N GLN C 112 18.62 3.59 33.99
CA GLN C 112 17.80 2.40 34.22
C GLN C 112 17.43 2.28 35.69
N LEU C 113 16.37 1.53 35.95
CA LEU C 113 15.93 1.30 37.32
C LEU C 113 16.52 0.01 37.87
N TYR C 114 16.52 -1.05 37.08
CA TYR C 114 17.10 -2.32 37.48
C TYR C 114 18.27 -2.59 36.56
N GLN C 115 19.43 -1.99 36.85
CA GLN C 115 20.57 -2.13 35.97
C GLN C 115 21.34 -3.42 36.26
N GLY C 116 21.50 -3.74 37.54
CA GLY C 116 22.20 -4.97 37.90
C GLY C 116 21.53 -6.21 37.34
N LEU C 117 20.21 -6.23 37.28
CA LEU C 117 19.51 -7.38 36.73
C LEU C 117 19.97 -7.67 35.31
N TRP C 118 19.88 -6.68 34.43
CA TRP C 118 20.27 -6.91 33.03
C TRP C 118 21.75 -7.18 32.91
N ARG C 119 22.57 -6.46 33.68
CA ARG C 119 24.01 -6.67 33.60
C ARG C 119 24.40 -8.10 33.96
N TRP C 120 23.97 -8.57 35.14
CA TRP C 120 24.38 -9.90 35.58
C TRP C 120 23.67 -10.99 34.81
N GLY C 121 22.49 -10.70 34.25
CA GLY C 121 21.85 -11.67 33.38
C GLY C 121 22.61 -11.86 32.08
N GLU C 122 23.03 -10.75 31.47
CA GLU C 122 23.89 -10.85 30.29
C GLU C 122 25.18 -11.55 30.65
N PHE C 123 25.70 -11.30 31.85
CA PHE C 123 26.93 -11.96 32.28
C PHE C 123 26.75 -13.47 32.37
N ALA C 124 25.68 -13.92 33.03
CA ALA C 124 25.43 -15.36 33.16
C ALA C 124 25.20 -16.01 31.80
N PHE C 125 24.44 -15.34 30.93
CA PHE C 125 24.20 -15.90 29.60
C PHE C 125 25.49 -15.98 28.81
N ASN C 126 26.34 -14.96 28.90
CA ASN C 126 27.61 -14.99 28.20
C ASN C 126 28.50 -16.09 28.74
N THR C 127 28.47 -16.32 30.06
CA THR C 127 29.24 -17.42 30.63
C THR C 127 28.76 -18.77 30.11
N MET C 128 27.45 -18.98 30.07
CA MET C 128 26.93 -20.25 29.57
C MET C 128 27.25 -20.43 28.10
N PHE C 129 27.17 -19.36 27.32
CA PHE C 129 27.47 -19.47 25.90
C PHE C 129 28.96 -19.70 25.65
N LEU C 130 29.80 -19.12 26.51
CA LEU C 130 31.24 -19.40 26.44
C LEU C 130 31.54 -20.86 26.76
N ILE C 131 30.89 -21.38 27.80
CA ILE C 131 31.06 -22.80 28.13
C ILE C 131 30.59 -23.67 26.97
N GLU C 132 29.49 -23.28 26.33
CA GLU C 132 29.00 -24.05 25.18
C GLU C 132 30.00 -23.99 24.03
N LEU C 133 30.59 -22.82 23.78
CA LEU C 133 31.59 -22.69 22.73
C LEU C 133 32.81 -23.55 23.02
N LEU C 134 33.22 -23.60 24.29
CA LEU C 134 34.39 -24.40 24.65
C LEU C 134 34.09 -25.89 24.53
N ILE C 135 32.89 -26.31 24.91
CA ILE C 135 32.51 -27.70 24.71
C ILE C 135 32.48 -28.04 23.23
N ASN C 136 31.99 -27.10 22.41
CA ASN C 136 32.01 -27.28 20.97
C ASN C 136 33.42 -27.49 20.46
N PHE C 137 34.31 -26.53 20.72
CA PHE C 137 35.65 -26.57 20.15
C PHE C 137 36.45 -27.75 20.71
N TYR C 138 36.23 -28.08 21.98
CA TYR C 138 36.91 -29.22 22.59
C TYR C 138 36.55 -30.52 21.88
N GLY C 139 35.35 -30.60 21.33
CA GLY C 139 34.91 -31.75 20.58
C GLY C 139 35.39 -31.81 19.15
N ILE C 140 35.81 -30.69 18.58
CA ILE C 140 36.33 -30.67 17.22
C ILE C 140 37.83 -30.40 17.18
N ALA C 141 38.54 -30.72 18.24
CA ALA C 141 39.99 -30.54 18.42
C ALA C 141 40.36 -29.06 18.35
N PHE C 142 39.45 -28.15 18.64
CA PHE C 142 39.69 -26.71 18.72
C PHE C 142 40.06 -26.09 17.37
N CYS C 143 39.85 -26.80 16.27
CA CYS C 143 40.18 -26.28 14.95
C CYS C 143 39.11 -25.34 14.40
N PHE C 144 37.91 -25.86 14.20
CA PHE C 144 36.70 -25.22 13.67
C PHE C 144 36.88 -24.68 12.25
N TRP C 145 38.05 -24.85 11.62
CA TRP C 145 38.12 -24.59 10.18
C TRP C 145 37.46 -25.70 9.40
N ARG C 146 37.60 -26.95 9.86
CA ARG C 146 37.20 -28.09 9.06
C ARG C 146 35.70 -28.36 9.16
N TYR C 147 35.15 -28.33 10.37
CA TYR C 147 33.80 -28.81 10.62
C TYR C 147 32.88 -27.63 10.88
N ASN C 148 31.91 -27.43 9.99
CA ASN C 148 30.85 -26.44 10.17
C ASN C 148 31.45 -25.05 10.41
N TRP C 149 32.21 -24.57 9.44
CA TRP C 149 33.04 -23.39 9.64
C TRP C 149 32.20 -22.12 9.80
N ALA C 150 31.06 -22.06 9.10
CA ALA C 150 30.28 -20.82 9.10
C ALA C 150 29.64 -20.56 10.45
N TRP C 151 28.89 -21.52 10.96
CA TRP C 151 28.22 -21.34 12.25
C TRP C 151 29.24 -21.28 13.37
N ASN C 152 30.31 -22.07 13.30
CA ASN C 152 31.36 -21.99 14.30
C ASN C 152 31.99 -20.60 14.31
N THR C 153 32.21 -20.02 13.13
CA THR C 153 32.76 -18.67 13.06
C THR C 153 31.82 -17.65 13.67
N PHE C 154 30.53 -17.72 13.31
CA PHE C 154 29.56 -16.78 13.86
C PHE C 154 29.48 -16.91 15.38
N ASP C 155 29.47 -18.14 15.88
CA ASP C 155 29.44 -18.37 17.31
C ASP C 155 30.68 -17.80 17.98
N LEU C 156 31.85 -18.04 17.39
CA LEU C 156 33.07 -17.49 17.96
C LEU C 156 33.02 -15.97 18.02
N VAL C 157 32.50 -15.34 16.97
CA VAL C 157 32.39 -13.89 16.96
C VAL C 157 31.48 -13.41 18.08
N VAL C 158 30.29 -14.00 18.21
CA VAL C 158 29.34 -13.47 19.17
C VAL C 158 29.81 -13.72 20.60
N VAL C 159 30.45 -14.86 20.85
CA VAL C 159 30.95 -15.12 22.20
C VAL C 159 32.19 -14.29 22.50
N ALA C 160 32.98 -13.97 21.47
CA ALA C 160 34.10 -13.06 21.68
C ALA C 160 33.59 -11.68 22.09
N ILE C 161 32.54 -11.21 21.43
CA ILE C 161 31.95 -9.93 21.80
C ILE C 161 31.33 -10.02 23.19
N GLY C 162 30.77 -11.18 23.53
CA GLY C 162 30.21 -11.35 24.87
C GLY C 162 31.26 -11.32 25.95
N THR C 163 32.42 -11.94 25.69
CA THR C 163 33.54 -11.86 26.62
C THR C 163 34.06 -10.43 26.73
N LEU C 164 34.11 -9.71 25.61
CA LEU C 164 34.41 -8.29 25.66
C LEU C 164 33.43 -7.56 26.56
N THR C 165 32.16 -7.94 26.51
CA THR C 165 31.16 -7.29 27.35
C THR C 165 31.36 -7.62 28.82
N MET C 166 31.74 -8.87 29.11
CA MET C 166 32.08 -9.24 30.48
C MET C 166 33.24 -8.40 31.00
N ALA C 167 34.32 -8.30 30.23
CA ALA C 167 35.45 -7.47 30.61
C ALA C 167 35.03 -6.01 30.79
N GLU C 168 34.21 -5.50 29.86
CA GLU C 168 33.75 -4.12 29.93
C GLU C 168 32.95 -3.87 31.20
N ALA C 169 32.15 -4.86 31.60
CA ALA C 169 31.30 -4.73 32.77
C ALA C 169 32.13 -4.79 34.05
N ILE C 170 33.18 -5.59 34.06
CA ILE C 170 33.99 -5.76 35.27
C ILE C 170 35.09 -4.72 35.41
N GLY C 171 36.05 -4.66 34.49
CA GLY C 171 37.28 -3.94 34.80
C GLY C 171 37.63 -2.78 33.89
N GLY C 172 36.63 -2.05 33.41
CA GLY C 172 36.91 -0.82 32.68
C GLY C 172 36.21 -0.71 31.34
N ASN C 173 36.28 0.48 30.74
CA ASN C 173 35.71 0.71 29.41
C ASN C 173 36.78 0.45 28.35
N PHE C 174 37.00 -0.83 28.06
CA PHE C 174 37.97 -1.23 27.04
C PHE C 174 37.70 -0.61 25.69
N MET C 175 36.44 -0.45 25.30
CA MET C 175 36.11 0.06 23.98
C MET C 175 35.83 1.55 24.05
N PRO C 176 36.19 2.33 23.05
CA PRO C 176 35.79 3.75 23.02
C PRO C 176 34.28 3.89 22.98
N PRO C 177 33.74 5.01 23.45
CA PRO C 177 32.28 5.21 23.40
C PRO C 177 31.72 5.22 21.99
N SER C 178 32.58 5.16 20.97
CA SER C 178 32.11 5.28 19.59
C SER C 178 31.43 4.02 19.09
N MET C 179 32.05 2.86 19.29
CA MET C 179 31.61 1.65 18.60
C MET C 179 30.69 0.76 19.44
N ALA C 180 29.84 1.37 20.26
CA ALA C 180 28.86 0.60 21.02
C ALA C 180 27.93 -0.18 20.10
N LEU C 181 27.87 0.20 18.83
CA LEU C 181 27.07 -0.55 17.87
C LEU C 181 27.44 -2.04 17.90
N ILE C 182 28.60 -2.36 18.45
CA ILE C 182 29.01 -3.76 18.59
C ILE C 182 28.50 -4.35 19.89
N ARG C 183 28.37 -3.56 20.97
CA ARG C 183 27.60 -4.08 22.09
C ARG C 183 26.17 -4.39 21.69
N ASN C 184 25.62 -3.66 20.73
CA ASN C 184 24.25 -3.93 20.29
C ASN C 184 24.12 -5.25 19.56
N LEU C 185 25.22 -5.99 19.36
CA LEU C 185 25.18 -7.24 18.61
C LEU C 185 24.60 -8.40 19.43
N ARG C 186 24.18 -8.16 20.67
CA ARG C 186 23.53 -9.22 21.43
C ARG C 186 22.24 -9.68 20.76
N ALA C 187 21.50 -8.74 20.17
CA ALA C 187 20.22 -9.07 19.57
C ALA C 187 20.37 -10.13 18.48
N PHE C 188 21.53 -10.18 17.83
CA PHE C 188 21.74 -11.09 16.72
C PHE C 188 22.22 -12.47 17.16
N ARG C 189 22.29 -12.73 18.47
CA ARG C 189 22.59 -14.09 18.92
C ARG C 189 21.46 -15.05 18.56
N ILE C 190 20.23 -14.54 18.47
CA ILE C 190 19.07 -15.36 18.16
C ILE C 190 19.23 -16.07 16.82
N PHE C 191 20.05 -15.52 15.92
CA PHE C 191 20.26 -16.16 14.63
C PHE C 191 20.84 -17.56 14.78
N ARG C 192 21.46 -17.84 15.93
CA ARG C 192 22.03 -19.16 16.15
C ARG C 192 20.93 -20.20 16.33
N LEU C 193 19.71 -19.77 16.63
CA LEU C 193 18.59 -20.69 16.72
C LEU C 193 18.22 -21.27 15.36
N PHE C 194 18.56 -20.57 14.28
CA PHE C 194 18.18 -21.04 12.95
C PHE C 194 18.92 -22.31 12.57
N LYS C 195 20.08 -22.55 13.19
CA LYS C 195 20.85 -23.74 12.85
C LYS C 195 20.23 -24.99 13.44
N ARG C 196 19.61 -24.87 14.62
CA ARG C 196 19.15 -26.06 15.33
C ARG C 196 17.78 -26.52 14.84
N ILE C 197 16.89 -25.58 14.55
CA ILE C 197 15.53 -25.88 14.11
C ILE C 197 15.56 -26.06 12.60
N LYS C 198 15.29 -27.28 12.14
CA LYS C 198 15.34 -27.60 10.72
C LYS C 198 14.39 -26.87 9.79
N SER C 199 13.33 -26.28 10.33
CA SER C 199 12.39 -25.55 9.49
C SER C 199 12.90 -24.14 9.18
N LEU C 200 13.31 -23.41 10.20
CA LEU C 200 13.88 -22.09 9.98
C LEU C 200 15.13 -22.18 9.12
N ASN C 201 15.91 -23.24 9.31
CA ASN C 201 17.09 -23.43 8.47
C ASN C 201 16.70 -23.64 7.02
N LYS C 202 15.62 -24.40 6.82
CA LYS C 202 15.08 -24.70 5.51
C LYS C 202 14.63 -23.43 4.79
N ILE C 203 14.09 -22.48 5.54
CA ILE C 203 13.64 -21.20 5.00
C ILE C 203 14.83 -20.31 4.65
N ILE C 204 15.82 -20.23 5.55
CA ILE C 204 16.90 -19.28 5.28
C ILE C 204 17.84 -19.80 4.21
N VAL C 205 18.00 -21.12 4.09
CA VAL C 205 18.80 -21.63 2.98
C VAL C 205 18.11 -21.40 1.64
N SER C 206 16.79 -21.56 1.59
CA SER C 206 16.09 -21.22 0.35
C SER C 206 16.25 -19.74 0.03
N LEU C 207 16.13 -18.88 1.04
CA LEU C 207 16.30 -17.45 0.81
C LEU C 207 17.69 -17.13 0.27
N GLY C 208 18.71 -17.77 0.84
CA GLY C 208 20.07 -17.51 0.41
C GLY C 208 20.33 -17.99 -1.01
N LYS C 209 19.75 -19.15 -1.36
CA LYS C 209 19.93 -19.62 -2.72
C LYS C 209 18.97 -18.97 -3.70
N ALA C 210 18.09 -18.10 -3.19
CA ALA C 210 17.20 -17.35 -4.08
C ALA C 210 17.72 -15.95 -4.38
N ILE C 211 18.49 -15.38 -3.44
CA ILE C 211 18.90 -13.98 -3.60
C ILE C 211 19.76 -13.73 -4.85
N PRO C 212 20.76 -14.56 -5.18
CA PRO C 212 21.54 -14.27 -6.40
C PRO C 212 20.69 -14.20 -7.66
N GLY C 213 19.64 -15.00 -7.76
CA GLY C 213 18.74 -14.86 -8.90
C GLY C 213 18.05 -13.51 -8.94
N VAL C 214 17.72 -12.98 -7.77
CA VAL C 214 17.11 -11.66 -7.68
C VAL C 214 18.07 -10.56 -8.11
N ALA C 215 19.38 -10.77 -7.87
CA ALA C 215 20.39 -9.73 -8.10
C ALA C 215 20.18 -8.96 -9.41
N ASN C 216 19.88 -9.67 -10.50
CA ASN C 216 19.79 -9.01 -11.81
C ASN C 216 18.65 -8.01 -11.87
N ALA C 217 17.42 -8.47 -11.56
CA ALA C 217 16.28 -7.58 -11.58
C ALA C 217 16.43 -6.46 -10.56
N PHE C 218 17.10 -6.76 -9.43
CA PHE C 218 17.34 -5.72 -8.45
C PHE C 218 18.26 -4.64 -9.01
N VAL C 219 19.30 -5.04 -9.76
CA VAL C 219 20.22 -4.06 -10.31
C VAL C 219 19.53 -3.23 -11.39
N ILE C 220 18.62 -3.85 -12.14
CA ILE C 220 17.86 -3.09 -13.14
C ILE C 220 16.97 -2.06 -12.46
N MET C 221 16.25 -2.47 -11.42
CA MET C 221 15.39 -1.55 -10.71
C MET C 221 16.17 -0.41 -10.09
N VAL C 222 17.37 -0.70 -9.57
CA VAL C 222 18.16 0.35 -8.96
C VAL C 222 18.72 1.29 -10.01
N ILE C 223 19.07 0.76 -11.19
CA ILE C 223 19.51 1.63 -12.28
C ILE C 223 18.42 2.62 -12.64
N ILE C 224 17.18 2.13 -12.75
CA ILE C 224 16.08 3.01 -13.11
C ILE C 224 15.80 4.02 -11.99
N MET C 225 15.94 3.59 -10.74
CA MET C 225 15.72 4.52 -9.63
C MET C 225 16.78 5.62 -9.61
N CYS C 226 18.02 5.30 -9.95
CA CYS C 226 19.05 6.35 -10.00
C CYS C 226 18.83 7.28 -11.18
N ILE C 227 18.37 6.74 -12.32
CA ILE C 227 18.00 7.61 -13.43
C ILE C 227 16.96 8.62 -12.97
N TYR C 228 15.89 8.13 -12.35
CA TYR C 228 14.83 9.02 -11.90
C TYR C 228 15.30 9.96 -10.81
N ALA C 229 16.31 9.56 -10.03
CA ALA C 229 16.84 10.44 -9.00
C ALA C 229 17.62 11.59 -9.61
N ILE C 230 18.43 11.31 -10.63
CA ILE C 230 19.13 12.38 -11.34
C ILE C 230 18.11 13.33 -11.96
N LEU C 231 17.10 12.78 -12.65
CA LEU C 231 16.08 13.61 -13.25
C LEU C 231 15.37 14.46 -12.21
N GLY C 232 15.05 13.86 -11.05
CA GLY C 232 14.34 14.59 -10.02
C GLY C 232 15.17 15.69 -9.41
N VAL C 233 16.46 15.46 -9.20
CA VAL C 233 17.32 16.51 -8.67
C VAL C 233 17.43 17.64 -9.69
N GLU C 234 17.52 17.31 -10.97
CA GLU C 234 17.63 18.37 -11.96
C GLU C 234 16.35 19.19 -12.03
N PHE C 235 15.20 18.53 -11.92
CA PHE C 235 13.93 19.23 -12.11
C PHE C 235 13.48 19.93 -10.85
N TYR C 236 13.22 19.18 -9.78
CA TYR C 236 12.49 19.68 -8.63
C TYR C 236 13.35 20.14 -7.47
N HIS C 237 14.68 20.08 -7.57
CA HIS C 237 15.53 20.39 -6.42
C HIS C 237 15.38 21.81 -5.93
N MET C 238 14.63 22.66 -6.63
CA MET C 238 14.38 24.02 -6.18
C MET C 238 12.90 24.37 -6.11
N THR C 239 12.02 23.37 -6.15
CA THR C 239 10.58 23.64 -6.03
C THR C 239 10.26 24.20 -4.66
N GLY C 240 9.69 25.40 -4.64
CA GLY C 240 9.31 25.99 -3.37
C GLY C 240 10.48 26.51 -2.56
N SER C 241 11.58 26.87 -3.21
CA SER C 241 12.76 27.32 -2.50
C SER C 241 12.47 28.56 -1.66
N ASP C 242 11.57 29.43 -2.12
CA ASP C 242 11.23 30.59 -1.33
C ASP C 242 10.48 30.19 -0.07
N GLY C 243 10.01 28.94 -0.03
CA GLY C 243 9.11 28.47 0.99
C GLY C 243 7.66 28.49 0.59
N THR C 244 7.38 29.08 -0.56
CA THR C 244 6.04 29.17 -1.05
C THR C 244 6.05 29.00 -2.54
N TYR C 245 5.00 28.39 -3.06
CA TYR C 245 4.84 28.26 -4.49
C TYR C 245 3.42 28.73 -4.82
N VAL C 246 3.17 29.09 -6.07
CA VAL C 246 1.84 29.54 -6.43
C VAL C 246 1.11 28.51 -7.28
N THR C 247 -0.17 28.34 -6.98
CA THR C 247 -1.03 27.44 -7.72
C THR C 247 -2.11 28.34 -8.33
N TYR C 248 -2.59 28.00 -9.51
CA TYR C 248 -3.56 28.85 -10.18
C TYR C 248 -5.01 28.40 -10.23
N ASN C 249 -5.88 29.36 -9.94
CA ASN C 249 -7.32 29.23 -9.92
C ASN C 249 -8.06 29.19 -11.25
N ASP C 250 -9.32 28.82 -11.13
CA ASP C 250 -10.26 28.74 -12.23
C ASP C 250 -11.50 29.36 -11.65
N ASN C 251 -11.31 30.33 -10.76
CA ASN C 251 -12.43 30.99 -10.10
C ASN C 251 -13.41 31.72 -10.97
N VAL C 252 -12.95 32.53 -11.92
CA VAL C 252 -13.90 33.25 -12.77
C VAL C 252 -14.64 32.27 -13.66
N LYS C 253 -13.92 31.30 -14.20
CA LYS C 253 -14.48 30.32 -15.11
C LYS C 253 -15.49 29.37 -14.50
N ARG C 254 -15.33 29.04 -13.22
CA ARG C 254 -16.23 28.12 -12.53
C ARG C 254 -17.56 28.69 -12.05
N GLY C 255 -17.50 29.87 -11.46
CA GLY C 255 -18.66 30.48 -10.83
C GLY C 255 -18.44 31.05 -9.45
N LEU C 256 -17.24 30.91 -8.88
CA LEU C 256 -17.05 31.35 -7.50
C LEU C 256 -16.92 32.86 -7.41
N CYS C 257 -16.41 33.49 -8.46
CA CYS C 257 -16.34 34.95 -8.53
C CYS C 257 -16.57 35.39 -9.97
N THR C 258 -16.84 36.68 -10.12
CA THR C 258 -17.01 37.25 -11.45
C THR C 258 -15.73 37.95 -11.89
N GLY C 259 -15.51 38.00 -13.21
CA GLY C 259 -14.23 38.47 -13.72
C GLY C 259 -13.90 39.89 -13.32
N ASP C 260 -14.91 40.69 -12.99
CA ASP C 260 -14.66 42.09 -12.65
C ASP C 260 -13.98 42.23 -11.31
N GLU C 261 -14.35 41.38 -10.34
CA GLU C 261 -13.77 41.47 -9.00
C GLU C 261 -12.28 41.15 -9.03
N VAL C 262 -11.87 40.28 -9.96
CA VAL C 262 -10.46 39.95 -10.11
C VAL C 262 -9.68 41.16 -10.59
N GLU C 263 -10.14 41.78 -11.68
CA GLU C 263 -9.44 42.95 -12.22
C GLU C 263 -9.45 44.11 -11.24
N LEU C 264 -10.51 44.22 -10.42
CA LEU C 264 -10.56 45.28 -9.42
C LEU C 264 -9.65 44.96 -8.24
N GLY C 265 -9.55 43.68 -7.89
CA GLY C 265 -8.69 43.25 -6.80
C GLY C 265 -9.40 42.56 -5.66
N GLN C 266 -10.71 42.29 -5.80
CA GLN C 266 -11.46 41.68 -4.71
C GLN C 266 -11.15 40.20 -4.58
N CYS C 267 -10.94 39.52 -5.71
CA CYS C 267 -10.57 38.11 -5.71
C CYS C 267 -9.29 37.94 -6.51
N SER C 268 -8.75 36.72 -6.49
CA SER C 268 -7.54 36.41 -7.24
C SER C 268 -7.65 35.01 -7.81
N LEU C 269 -6.75 34.70 -8.74
CA LEU C 269 -6.66 33.37 -9.31
C LEU C 269 -5.42 32.61 -8.85
N ASN C 270 -4.65 33.16 -7.91
CA ASN C 270 -3.45 32.50 -7.41
C ASN C 270 -3.48 32.47 -5.88
N GLN C 271 -2.96 31.39 -5.34
CA GLN C 271 -2.89 31.23 -3.92
C GLN C 271 -1.43 31.00 -3.62
N THR C 272 -0.87 31.79 -2.72
CA THR C 272 0.53 31.60 -2.34
C THR C 272 0.65 30.58 -1.22
N VAL C 273 0.37 29.31 -1.50
CA VAL C 273 0.51 28.22 -0.54
C VAL C 273 1.97 28.07 -0.11
N SER C 274 2.20 27.70 1.14
CA SER C 274 3.54 27.56 1.69
C SER C 274 4.07 26.15 1.43
N SER C 275 5.39 26.04 1.35
CA SER C 275 6.03 24.80 0.93
C SER C 275 6.83 24.11 2.02
N GLU C 276 6.92 24.68 3.22
CA GLU C 276 7.63 24.04 4.31
C GLU C 276 7.03 22.68 4.65
N THR C 277 7.90 21.70 4.85
CA THR C 277 7.46 20.40 5.31
C THR C 277 7.45 20.35 6.83
N ALA C 278 7.02 19.21 7.38
CA ALA C 278 7.03 19.05 8.83
C ALA C 278 8.43 18.74 9.34
N ARG C 279 9.42 18.90 8.47
CA ARG C 279 10.82 18.69 8.78
C ARG C 279 11.55 20.02 8.77
N GLY C 280 10.83 21.10 8.48
CA GLY C 280 11.41 22.43 8.46
C GLY C 280 11.99 22.88 7.14
N TYR C 281 11.97 22.02 6.12
CA TYR C 281 12.59 22.29 4.84
C TYR C 281 11.64 23.03 3.92
N THR C 282 12.02 23.07 2.65
CA THR C 282 11.11 23.33 1.56
C THR C 282 10.91 22.04 0.79
N TYR C 283 9.89 22.02 -0.07
CA TYR C 283 9.57 20.79 -0.78
C TYR C 283 10.77 20.28 -1.57
N GLY C 284 11.46 21.17 -2.28
CA GLY C 284 12.53 20.72 -3.15
C GLY C 284 13.75 20.23 -2.39
N GLU C 285 14.17 20.99 -1.37
CA GLU C 285 15.38 20.65 -0.63
C GLU C 285 15.26 19.28 0.05
N GLU C 286 14.09 18.98 0.60
CA GLU C 286 13.96 17.73 1.34
C GLU C 286 13.78 16.55 0.40
N TYR C 287 12.91 16.67 -0.58
CA TYR C 287 12.54 15.51 -1.37
C TYR C 287 13.55 15.24 -2.48
N TYR C 288 14.11 16.30 -3.08
CA TYR C 288 15.07 16.14 -4.15
C TYR C 288 16.26 17.09 -4.01
N GLY C 289 16.63 17.45 -2.78
CA GLY C 289 17.71 18.40 -2.61
C GLY C 289 19.04 17.90 -3.13
N THR C 290 19.32 16.61 -2.94
CA THR C 290 20.52 15.97 -3.47
C THR C 290 20.13 14.66 -4.12
N PHE C 291 21.14 13.90 -4.56
CA PHE C 291 20.87 12.67 -5.27
C PHE C 291 20.46 11.56 -4.32
N PHE C 292 20.99 11.56 -3.11
CA PHE C 292 20.61 10.51 -2.17
C PHE C 292 19.28 10.83 -1.50
N ARG C 293 19.01 12.11 -1.25
CA ARG C 293 17.67 12.50 -0.84
C ARG C 293 16.63 12.13 -1.90
N ALA C 294 16.96 12.34 -3.17
CA ALA C 294 16.03 11.98 -4.23
C ALA C 294 15.88 10.48 -4.35
N LEU C 295 16.98 9.73 -4.19
CA LEU C 295 16.88 8.28 -4.24
C LEU C 295 16.04 7.75 -3.09
N TYR C 296 16.13 8.39 -1.92
CA TYR C 296 15.29 7.99 -0.81
C TYR C 296 13.83 8.35 -1.04
N THR C 297 13.57 9.55 -1.57
CA THR C 297 12.22 9.93 -1.96
C THR C 297 11.63 8.92 -2.95
N LEU C 298 12.44 8.46 -3.89
CA LEU C 298 11.93 7.51 -4.87
C LEU C 298 11.75 6.13 -4.26
N PHE C 299 12.52 5.81 -3.21
CA PHE C 299 12.23 4.58 -2.47
C PHE C 299 10.88 4.67 -1.77
N GLN C 300 10.63 5.79 -1.10
CA GLN C 300 9.34 5.99 -0.42
C GLN C 300 8.20 5.95 -1.42
N VAL C 301 8.43 6.44 -2.64
CA VAL C 301 7.40 6.37 -3.68
C VAL C 301 7.26 4.94 -4.20
N LEU C 302 8.36 4.20 -4.24
CA LEU C 302 8.32 2.81 -4.68
C LEU C 302 7.53 1.95 -3.71
N THR C 303 7.55 2.30 -2.42
CA THR C 303 6.75 1.56 -1.46
C THR C 303 5.34 2.11 -1.33
N GLY C 304 5.04 3.21 -2.03
CA GLY C 304 3.69 3.74 -2.08
C GLY C 304 3.32 4.66 -0.96
N GLU C 305 4.28 5.19 -0.22
CA GLU C 305 4.02 5.96 0.98
C GLU C 305 3.87 7.44 0.64
N SER C 306 2.65 7.95 0.76
CA SER C 306 2.34 9.38 0.58
C SER C 306 2.99 9.96 -0.67
N TRP C 307 3.06 9.17 -1.74
CA TRP C 307 3.75 9.61 -2.94
C TRP C 307 3.01 10.77 -3.61
N SER C 308 1.71 10.90 -3.36
CA SER C 308 0.94 11.93 -4.04
C SER C 308 0.78 13.17 -3.17
N GLU C 309 0.24 12.99 -1.98
CA GLU C 309 -0.14 14.16 -1.17
C GLU C 309 1.09 14.89 -0.67
N ALA C 310 2.20 14.17 -0.49
CA ALA C 310 3.41 14.81 0.03
C ALA C 310 4.41 15.10 -1.07
N VAL C 311 4.61 14.14 -1.97
CA VAL C 311 5.66 14.25 -2.99
C VAL C 311 5.10 14.82 -4.28
N ALA C 312 4.15 14.13 -4.90
CA ALA C 312 3.77 14.45 -6.27
C ALA C 312 2.94 15.72 -6.34
N ARG C 313 1.83 15.80 -5.61
CA ARG C 313 0.83 16.83 -5.86
C ARG C 313 1.36 18.26 -5.73
N PRO C 314 2.25 18.59 -4.78
CA PRO C 314 2.79 19.97 -4.78
C PRO C 314 3.58 20.28 -6.04
N ALA C 315 4.30 19.31 -6.58
CA ALA C 315 5.01 19.51 -7.83
C ALA C 315 4.03 19.64 -8.99
N VAL C 316 3.05 18.73 -9.06
CA VAL C 316 2.09 18.72 -10.16
C VAL C 316 1.32 20.03 -10.22
N PHE C 317 0.94 20.57 -9.07
CA PHE C 317 0.15 21.79 -9.06
C PHE C 317 0.97 23.04 -8.89
N GLU C 318 2.29 22.92 -8.71
CA GLU C 318 3.16 24.09 -8.78
C GLU C 318 3.17 24.66 -10.19
N SER C 319 3.31 23.79 -11.18
CA SER C 319 3.28 24.19 -12.58
C SER C 319 1.88 24.66 -12.96
N HIS C 320 1.79 25.78 -13.66
CA HIS C 320 0.49 26.26 -14.09
C HIS C 320 -0.08 25.39 -15.20
N TYR C 321 0.61 25.34 -16.35
CA TYR C 321 0.08 24.69 -17.53
C TYR C 321 0.90 23.48 -17.96
N ASP C 322 2.09 23.31 -17.38
CA ASP C 322 2.92 22.15 -17.68
C ASP C 322 2.82 21.08 -16.60
N SER C 323 1.62 20.83 -16.10
CA SER C 323 1.42 19.76 -15.13
C SER C 323 1.64 18.38 -15.72
N PHE C 324 1.81 18.28 -17.04
CA PHE C 324 2.09 16.99 -17.64
C PHE C 324 3.48 16.49 -17.26
N GLY C 325 4.39 17.40 -16.95
CA GLY C 325 5.74 17.04 -16.60
C GLY C 325 5.82 16.19 -15.36
N PRO C 326 5.49 16.76 -14.19
CA PRO C 326 5.53 15.97 -12.95
C PRO C 326 4.55 14.81 -12.96
N VAL C 327 3.38 14.98 -13.57
CA VAL C 327 2.43 13.88 -13.65
C VAL C 327 3.06 12.69 -14.38
N LEU C 328 3.65 12.93 -15.55
CA LEU C 328 4.27 11.84 -16.28
C LEU C 328 5.47 11.28 -15.54
N PHE C 329 6.25 12.15 -14.88
CA PHE C 329 7.36 11.69 -14.05
C PHE C 329 6.89 10.65 -13.05
N TYR C 330 5.94 11.01 -12.18
CA TYR C 330 5.54 10.12 -11.10
C TYR C 330 4.72 8.94 -11.61
N VAL C 331 3.88 9.14 -12.62
CA VAL C 331 3.09 8.04 -13.15
C VAL C 331 3.98 7.02 -13.82
N SER C 332 4.95 7.46 -14.62
CA SER C 332 5.86 6.53 -15.25
C SER C 332 6.71 5.81 -14.23
N PHE C 333 7.21 6.54 -13.22
CA PHE C 333 7.98 5.89 -12.17
C PHE C 333 7.16 4.82 -11.48
N ILE C 334 5.95 5.17 -11.04
CA ILE C 334 5.11 4.23 -10.31
C ILE C 334 4.84 3.01 -11.18
N ILE C 335 4.29 3.21 -12.38
CA ILE C 335 4.00 2.08 -13.26
C ILE C 335 5.24 1.21 -13.38
N ILE C 336 6.30 1.75 -13.98
CA ILE C 336 7.47 0.94 -14.30
C ILE C 336 8.01 0.28 -13.04
N CYS C 337 8.57 1.09 -12.14
CA CYS C 337 9.25 0.54 -10.97
C CYS C 337 8.28 -0.24 -10.11
N GLN C 338 7.29 0.43 -9.51
CA GLN C 338 6.42 -0.26 -8.58
C GLN C 338 5.84 -1.51 -9.22
N ILE C 339 4.95 -1.34 -10.19
CA ILE C 339 4.20 -2.49 -10.66
C ILE C 339 5.14 -3.48 -11.31
N VAL C 340 5.76 -3.10 -12.43
CA VAL C 340 6.45 -4.09 -13.21
C VAL C 340 7.67 -4.59 -12.45
N LEU C 341 8.53 -3.68 -11.98
CA LEU C 341 9.81 -4.13 -11.46
C LEU C 341 9.67 -4.80 -10.11
N ILE C 342 8.86 -4.26 -9.19
CA ILE C 342 8.73 -4.95 -7.92
C ILE C 342 8.09 -6.32 -8.12
N ASN C 343 7.10 -6.43 -9.01
CA ASN C 343 6.48 -7.73 -9.18
C ASN C 343 7.43 -8.71 -9.85
N VAL C 344 8.34 -8.23 -10.71
CA VAL C 344 9.30 -9.14 -11.32
C VAL C 344 10.35 -9.59 -10.30
N VAL C 345 10.83 -8.66 -9.47
CA VAL C 345 11.76 -9.03 -8.42
C VAL C 345 11.15 -10.09 -7.50
N VAL C 346 9.94 -9.81 -6.99
CA VAL C 346 9.31 -10.75 -6.07
C VAL C 346 8.98 -12.06 -6.78
N ALA C 347 8.65 -12.00 -8.07
CA ALA C 347 8.30 -13.21 -8.78
C ALA C 347 9.51 -14.11 -8.97
N VAL C 348 10.67 -13.53 -9.32
CA VAL C 348 11.85 -14.37 -9.47
C VAL C 348 12.33 -14.87 -8.11
N LEU C 349 12.13 -14.07 -7.06
CA LEU C 349 12.45 -14.52 -5.71
C LEU C 349 11.63 -15.75 -5.34
N LEU C 350 10.30 -15.66 -5.41
CA LEU C 350 9.44 -16.79 -5.08
C LEU C 350 9.69 -17.97 -6.01
N ASP C 351 10.02 -17.70 -7.27
CA ASP C 351 10.32 -18.78 -8.19
C ASP C 351 11.55 -19.55 -7.75
N LYS C 352 12.59 -18.83 -7.35
CA LYS C 352 13.81 -19.46 -6.89
C LYS C 352 13.55 -20.25 -5.61
N MET C 353 12.70 -19.72 -4.75
CA MET C 353 12.42 -20.40 -3.49
C MET C 353 11.61 -21.67 -3.72
N VAL C 354 10.64 -21.63 -4.63
CA VAL C 354 9.89 -22.84 -4.95
C VAL C 354 10.77 -23.84 -5.70
N GLU C 355 11.78 -23.33 -6.42
CA GLU C 355 12.78 -24.21 -7.01
C GLU C 355 13.51 -24.98 -5.92
N GLU C 356 13.92 -24.29 -4.86
CA GLU C 356 14.70 -24.97 -3.83
C GLU C 356 13.83 -25.83 -2.96
N ASP C 357 12.56 -25.46 -2.79
CA ASP C 357 11.62 -26.28 -2.05
C ASP C 357 11.41 -27.63 -2.72
N ASP C 358 11.53 -27.68 -4.04
CA ASP C 358 11.30 -28.92 -4.78
C ASP C 358 12.44 -29.21 -5.74
N TRP D 69 -29.64 -46.31 24.96
CA TRP D 69 -29.93 -45.15 24.13
C TRP D 69 -31.32 -44.61 24.43
N LEU D 70 -31.56 -43.37 24.05
CA LEU D 70 -32.85 -42.73 24.27
C LEU D 70 -33.89 -43.35 23.32
N PRO D 71 -35.11 -43.57 23.80
CA PRO D 71 -36.13 -44.22 22.95
C PRO D 71 -36.61 -43.36 21.79
N HIS D 72 -36.37 -42.06 21.84
CA HIS D 72 -36.74 -41.16 20.76
C HIS D 72 -35.56 -40.58 20.00
N GLN D 73 -34.40 -41.21 20.06
CA GLN D 73 -33.17 -40.54 19.65
C GLN D 73 -32.97 -40.60 18.13
N ARG D 74 -33.25 -41.75 17.52
CA ARG D 74 -32.82 -41.97 16.14
C ARG D 74 -33.56 -41.07 15.15
N LYS D 75 -34.89 -41.11 15.16
CA LYS D 75 -35.63 -40.32 14.18
C LYS D 75 -35.45 -38.82 14.42
N VAL D 76 -35.34 -38.42 15.69
CA VAL D 76 -35.10 -37.01 15.99
C VAL D 76 -33.74 -36.58 15.47
N PHE D 77 -32.74 -37.46 15.58
CA PHE D 77 -31.40 -37.13 15.12
C PHE D 77 -31.38 -36.98 13.60
N ASP D 78 -31.97 -37.94 12.89
CA ASP D 78 -32.01 -37.83 11.44
C ASP D 78 -32.93 -36.72 10.97
N PHE D 79 -33.83 -36.24 11.84
CA PHE D 79 -34.60 -35.05 11.52
C PHE D 79 -33.76 -33.79 11.64
N TYR D 80 -32.92 -33.72 12.69
CA TYR D 80 -32.06 -32.55 12.84
C TYR D 80 -30.98 -32.50 11.77
N ALA D 81 -30.60 -33.64 11.22
CA ALA D 81 -29.64 -33.68 10.12
C ALA D 81 -30.28 -33.39 8.77
N SER D 82 -31.59 -33.15 8.73
CA SER D 82 -32.28 -32.92 7.46
C SER D 82 -31.76 -31.66 6.79
N GLN D 83 -31.86 -31.64 5.46
CA GLN D 83 -31.44 -30.47 4.70
C GLN D 83 -32.21 -29.23 5.13
N GLY D 84 -33.53 -29.35 5.20
CA GLY D 84 -34.36 -28.17 5.43
C GLY D 84 -34.16 -27.59 6.81
N VAL D 85 -33.98 -28.45 7.81
CA VAL D 85 -33.81 -27.96 9.17
C VAL D 85 -32.46 -27.24 9.31
N GLN D 86 -31.42 -27.77 8.66
CA GLN D 86 -30.15 -27.07 8.68
C GLN D 86 -30.24 -25.74 7.96
N TYR D 87 -30.94 -25.70 6.82
CA TYR D 87 -31.11 -24.43 6.13
C TYR D 87 -31.92 -23.44 6.96
N PHE D 88 -32.88 -23.93 7.72
CA PHE D 88 -33.68 -23.04 8.55
C PHE D 88 -32.86 -22.48 9.71
N THR D 89 -32.07 -23.33 10.36
CA THR D 89 -31.16 -22.85 11.39
C THR D 89 -30.17 -21.85 10.82
N ALA D 90 -29.71 -22.08 9.58
CA ALA D 90 -28.82 -21.13 8.93
C ALA D 90 -29.50 -19.79 8.71
N PHE D 91 -30.75 -19.82 8.22
CA PHE D 91 -31.50 -18.59 8.05
C PHE D 91 -31.63 -17.86 9.37
N LEU D 92 -31.86 -18.59 10.45
CA LEU D 92 -32.03 -17.99 11.77
C LEU D 92 -30.72 -17.39 12.29
N ILE D 93 -29.61 -18.06 12.00
CA ILE D 93 -28.29 -17.53 12.35
C ILE D 93 -28.03 -16.23 11.63
N VAL D 94 -28.27 -16.20 10.32
CA VAL D 94 -28.03 -14.99 9.54
C VAL D 94 -28.96 -13.88 9.99
N SER D 95 -30.21 -14.21 10.34
CA SER D 95 -31.12 -13.18 10.81
C SER D 95 -30.68 -12.60 12.13
N ASN D 96 -30.12 -13.44 13.02
CA ASN D 96 -29.63 -12.93 14.29
C ASN D 96 -28.41 -12.04 14.08
N PHE D 97 -27.52 -12.42 13.17
CA PHE D 97 -26.37 -11.57 12.88
C PHE D 97 -26.81 -10.24 12.30
N ILE D 98 -27.79 -10.27 11.38
CA ILE D 98 -28.32 -9.04 10.82
C ILE D 98 -28.99 -8.20 11.90
N PHE D 99 -29.58 -8.86 12.89
CA PHE D 99 -30.19 -8.13 14.00
C PHE D 99 -29.14 -7.39 14.81
N ASN D 100 -28.00 -8.04 15.08
CA ASN D 100 -26.92 -7.37 15.80
C ASN D 100 -26.33 -6.22 14.97
N CYS D 101 -26.09 -6.47 13.68
CA CYS D 101 -25.63 -5.42 12.79
C CYS D 101 -26.58 -4.22 12.81
N ALA D 102 -27.89 -4.49 12.73
CA ALA D 102 -28.88 -3.42 12.71
C ALA D 102 -28.92 -2.69 14.04
N GLU D 103 -28.70 -3.40 15.14
CA GLU D 103 -28.62 -2.72 16.43
C GLU D 103 -27.48 -1.73 16.44
N LYS D 104 -26.34 -2.12 15.90
CA LYS D 104 -25.19 -1.23 15.91
C LYS D 104 -25.31 -0.13 14.90
N GLU D 105 -26.13 -0.33 13.87
CA GLU D 105 -26.28 0.71 12.87
C GLU D 105 -27.32 1.75 13.27
N TRP D 106 -28.49 1.31 13.73
CA TRP D 106 -29.58 2.24 14.00
C TRP D 106 -29.71 2.62 15.46
N ASP D 107 -28.99 1.95 16.36
CA ASP D 107 -29.10 2.19 17.80
C ASP D 107 -27.78 1.85 18.47
N PRO D 108 -26.72 2.59 18.18
CA PRO D 108 -25.42 2.26 18.80
C PRO D 108 -25.19 2.95 20.12
N TYR D 109 -25.98 3.97 20.44
CA TYR D 109 -25.66 4.87 21.55
C TYR D 109 -25.68 4.14 22.88
N THR D 110 -25.15 4.82 23.90
CA THR D 110 -25.21 4.29 25.25
C THR D 110 -26.65 4.31 25.77
N ASP D 111 -27.28 5.48 25.78
CA ASP D 111 -28.70 5.61 26.11
C ASP D 111 -29.48 5.29 24.86
N GLN D 112 -29.79 4.01 24.67
CA GLN D 112 -30.47 3.57 23.46
C GLN D 112 -31.88 4.15 23.38
N LEU D 113 -32.42 4.18 22.16
CA LEU D 113 -33.77 4.67 21.96
C LEU D 113 -34.78 3.52 21.96
N TYR D 114 -34.43 2.42 21.29
CA TYR D 114 -35.29 1.24 21.26
C TYR D 114 -34.52 0.12 21.93
N GLN D 115 -34.57 0.10 23.27
CA GLN D 115 -33.80 -0.90 23.99
C GLN D 115 -34.54 -2.22 24.09
N GLY D 116 -35.85 -2.15 24.34
CA GLY D 116 -36.64 -3.37 24.41
C GLY D 116 -36.60 -4.19 23.14
N LEU D 117 -36.56 -3.52 21.99
CA LEU D 117 -36.50 -4.25 20.72
C LEU D 117 -35.29 -5.18 20.68
N TRP D 118 -34.10 -4.63 20.90
CA TRP D 118 -32.89 -5.46 20.84
C TRP D 118 -32.88 -6.49 21.95
N ARG D 119 -33.31 -6.10 23.15
CA ARG D 119 -33.30 -7.04 24.26
C ARG D 119 -34.18 -8.25 23.97
N TRP D 120 -35.45 -8.03 23.63
CA TRP D 120 -36.36 -9.14 23.44
C TRP D 120 -36.07 -9.89 22.14
N GLY D 121 -35.45 -9.22 21.17
CA GLY D 121 -35.02 -9.93 19.97
C GLY D 121 -33.89 -10.90 20.26
N GLU D 122 -32.89 -10.44 21.03
CA GLU D 122 -31.84 -11.35 21.48
C GLU D 122 -32.42 -12.47 22.32
N PHE D 123 -33.42 -12.14 23.13
CA PHE D 123 -34.07 -13.17 23.94
C PHE D 123 -34.73 -14.24 23.08
N ALA D 124 -35.52 -13.82 22.08
CA ALA D 124 -36.19 -14.79 21.22
C ALA D 124 -35.18 -15.61 20.43
N PHE D 125 -34.12 -14.97 19.92
CA PHE D 125 -33.12 -15.72 19.17
C PHE D 125 -32.39 -16.71 20.07
N ASN D 126 -32.08 -16.32 21.30
CA ASN D 126 -31.45 -17.22 22.23
C ASN D 126 -32.36 -18.39 22.57
N THR D 127 -33.66 -18.13 22.71
CA THR D 127 -34.61 -19.21 22.95
C THR D 127 -34.63 -20.21 21.80
N MET D 128 -34.69 -19.69 20.56
CA MET D 128 -34.73 -20.59 19.42
C MET D 128 -33.42 -21.37 19.28
N PHE D 129 -32.29 -20.74 19.59
CA PHE D 129 -31.01 -21.43 19.50
C PHE D 129 -30.88 -22.46 20.61
N LEU D 130 -31.45 -22.18 21.78
CA LEU D 130 -31.46 -23.17 22.85
C LEU D 130 -32.32 -24.37 22.47
N ILE D 131 -33.49 -24.12 21.88
CA ILE D 131 -34.33 -25.22 21.41
C ILE D 131 -33.59 -26.04 20.35
N GLU D 132 -32.85 -25.36 19.47
CA GLU D 132 -32.08 -26.08 18.46
C GLU D 132 -31.00 -26.92 19.10
N LEU D 133 -30.31 -26.39 20.11
CA LEU D 133 -29.29 -27.14 20.81
C LEU D 133 -29.88 -28.36 21.50
N LEU D 134 -31.06 -28.22 22.10
CA LEU D 134 -31.69 -29.34 22.77
C LEU D 134 -32.15 -30.40 21.78
N ILE D 135 -32.67 -29.98 20.63
CA ILE D 135 -33.02 -30.95 19.59
C ILE D 135 -31.77 -31.67 19.11
N ASN D 136 -30.67 -30.94 18.97
CA ASN D 136 -29.40 -31.55 18.61
C ASN D 136 -28.98 -32.62 19.61
N PHE D 137 -28.86 -32.25 20.87
CA PHE D 137 -28.34 -33.16 21.89
C PHE D 137 -29.30 -34.33 22.12
N TYR D 138 -30.60 -34.07 22.03
CA TYR D 138 -31.59 -35.13 22.19
C TYR D 138 -31.43 -36.20 21.11
N GLY D 139 -30.96 -35.80 19.94
CA GLY D 139 -30.72 -36.73 18.86
C GLY D 139 -29.42 -37.49 18.94
N ILE D 140 -28.45 -37.00 19.73
CA ILE D 140 -27.18 -37.70 19.90
C ILE D 140 -27.03 -38.27 21.30
N ALA D 141 -28.14 -38.57 21.97
CA ALA D 141 -28.22 -39.12 23.32
C ALA D 141 -27.59 -38.17 24.35
N PHE D 142 -27.52 -36.88 24.06
CA PHE D 142 -27.04 -35.83 24.97
C PHE D 142 -25.57 -35.96 25.31
N CYS D 143 -24.81 -36.78 24.57
CA CYS D 143 -23.39 -36.97 24.84
C CYS D 143 -22.53 -35.85 24.26
N PHE D 144 -22.56 -35.68 22.94
CA PHE D 144 -21.83 -34.72 22.11
C PHE D 144 -20.31 -34.84 22.23
N TRP D 145 -19.78 -35.79 23.01
CA TRP D 145 -18.35 -36.08 22.92
C TRP D 145 -18.05 -36.87 21.65
N ARG D 146 -18.96 -37.78 21.27
CA ARG D 146 -18.65 -38.73 20.21
C ARG D 146 -18.86 -38.13 18.83
N TYR D 147 -19.97 -37.43 18.62
CA TYR D 147 -20.39 -37.02 17.29
C TYR D 147 -20.20 -35.53 17.12
N ASN D 148 -19.29 -35.15 16.21
CA ASN D 148 -19.10 -33.76 15.83
C ASN D 148 -18.79 -32.89 17.04
N TRP D 149 -17.70 -33.22 17.73
CA TRP D 149 -17.43 -32.65 19.05
C TRP D 149 -17.10 -31.17 18.98
N ALA D 150 -16.44 -30.74 17.89
CA ALA D 150 -15.97 -29.35 17.81
C ALA D 150 -17.13 -28.38 17.67
N TRP D 151 -17.97 -28.59 16.66
CA TRP D 151 -19.10 -27.69 16.45
C TRP D 151 -20.11 -27.81 17.58
N ASN D 152 -20.33 -29.02 18.09
CA ASN D 152 -21.22 -29.17 19.24
C ASN D 152 -20.70 -28.39 20.44
N THR D 153 -19.38 -28.43 20.66
CA THR D 153 -18.81 -27.68 21.77
C THR D 153 -18.98 -26.19 21.58
N PHE D 154 -18.68 -25.69 20.38
CA PHE D 154 -18.85 -24.25 20.11
C PHE D 154 -20.30 -23.83 20.28
N ASP D 155 -21.23 -24.64 19.79
CA ASP D 155 -22.65 -24.35 19.95
C ASP D 155 -23.04 -24.33 21.42
N LEU D 156 -22.57 -25.32 22.19
CA LEU D 156 -22.88 -25.34 23.60
C LEU D 156 -22.36 -24.09 24.30
N VAL D 157 -21.15 -23.66 23.94
CA VAL D 157 -20.59 -22.46 24.55
C VAL D 157 -21.46 -21.25 24.22
N VAL D 158 -21.81 -21.05 22.95
CA VAL D 158 -22.50 -19.82 22.59
C VAL D 158 -23.92 -19.81 23.18
N VAL D 159 -24.57 -20.97 23.22
CA VAL D 159 -25.91 -21.00 23.79
C VAL D 159 -25.87 -20.90 25.32
N ALA D 160 -24.80 -21.39 25.93
CA ALA D 160 -24.64 -21.18 27.36
C ALA D 160 -24.49 -19.69 27.68
N ILE D 161 -23.70 -18.98 26.88
CA ILE D 161 -23.58 -17.55 27.06
C ILE D 161 -24.90 -16.85 26.77
N GLY D 162 -25.66 -17.36 25.80
CA GLY D 162 -26.96 -16.77 25.52
C GLY D 162 -27.94 -16.96 26.66
N THR D 163 -27.92 -18.13 27.29
CA THR D 163 -28.74 -18.35 28.48
C THR D 163 -28.31 -17.47 29.63
N LEU D 164 -26.99 -17.28 29.78
CA LEU D 164 -26.49 -16.30 30.74
C LEU D 164 -27.06 -14.91 30.44
N THR D 165 -27.17 -14.57 29.16
CA THR D 165 -27.70 -13.26 28.79
C THR D 165 -29.19 -13.17 29.10
N MET D 166 -29.92 -14.26 28.89
CA MET D 166 -31.33 -14.29 29.28
C MET D 166 -31.48 -14.05 30.78
N ALA D 167 -30.72 -14.79 31.59
CA ALA D 167 -30.76 -14.59 33.03
C ALA D 167 -30.36 -13.17 33.40
N GLU D 168 -29.33 -12.63 32.76
CA GLU D 168 -28.87 -11.28 33.04
C GLU D 168 -29.96 -10.27 32.73
N ALA D 169 -30.71 -10.50 31.66
CA ALA D 169 -31.75 -9.58 31.24
C ALA D 169 -32.94 -9.64 32.18
N ILE D 170 -33.25 -10.83 32.71
CA ILE D 170 -34.42 -11.00 33.54
C ILE D 170 -34.15 -10.70 35.02
N GLY D 171 -33.27 -11.44 35.68
CA GLY D 171 -33.27 -11.42 37.13
C GLY D 171 -31.98 -10.97 37.81
N GLY D 172 -31.27 -10.03 37.20
CA GLY D 172 -30.14 -9.44 37.88
C GLY D 172 -28.85 -9.42 37.08
N ASN D 173 -27.84 -8.71 37.58
CA ASN D 173 -26.53 -8.66 36.94
C ASN D 173 -25.64 -9.75 37.51
N PHE D 174 -25.86 -10.98 37.02
CA PHE D 174 -25.07 -12.12 37.44
C PHE D 174 -23.58 -11.94 37.23
N MET D 175 -23.16 -11.28 36.16
CA MET D 175 -21.75 -11.12 35.86
C MET D 175 -21.26 -9.77 36.33
N PRO D 176 -20.03 -9.66 36.82
CA PRO D 176 -19.46 -8.35 37.15
C PRO D 176 -19.39 -7.47 35.92
N PRO D 177 -19.40 -6.14 36.10
CA PRO D 177 -19.29 -5.25 34.94
C PRO D 177 -17.99 -5.39 34.17
N SER D 178 -17.05 -6.21 34.67
CA SER D 178 -15.74 -6.31 34.06
C SER D 178 -15.76 -7.13 32.76
N MET D 179 -16.39 -8.30 32.77
CA MET D 179 -16.21 -9.24 31.68
C MET D 179 -17.32 -9.19 30.64
N ALA D 180 -17.86 -8.00 30.38
CA ALA D 180 -18.87 -7.86 29.32
C ALA D 180 -18.32 -8.29 27.96
N LEU D 181 -17.00 -8.36 27.83
CA LEU D 181 -16.41 -8.85 26.60
C LEU D 181 -17.00 -10.20 26.20
N ILE D 182 -17.62 -10.89 27.16
CA ILE D 182 -18.27 -12.16 26.87
C ILE D 182 -19.71 -11.95 26.41
N ARG D 183 -20.40 -10.91 26.90
CA ARG D 183 -21.65 -10.56 26.22
C ARG D 183 -21.41 -10.18 24.77
N ASN D 184 -20.24 -9.63 24.45
CA ASN D 184 -19.95 -9.27 23.07
C ASN D 184 -19.78 -10.48 22.18
N LEU D 185 -19.86 -11.70 22.71
CA LEU D 185 -19.65 -12.91 21.93
C LEU D 185 -20.85 -13.26 21.04
N ARG D 186 -21.91 -12.45 21.05
CA ARG D 186 -23.02 -12.71 20.15
C ARG D 186 -22.58 -12.61 18.69
N ALA D 187 -21.70 -11.68 18.39
CA ALA D 187 -21.26 -11.46 17.01
C ALA D 187 -20.66 -12.72 16.41
N PHE D 188 -20.07 -13.57 17.24
CA PHE D 188 -19.39 -14.76 16.76
C PHE D 188 -20.31 -15.96 16.59
N ARG D 189 -21.62 -15.79 16.80
CA ARG D 189 -22.55 -16.87 16.48
C ARG D 189 -22.59 -17.16 14.99
N ILE D 190 -22.33 -16.15 14.17
CA ILE D 190 -22.36 -16.29 12.72
C ILE D 190 -21.38 -17.35 12.24
N PHE D 191 -20.34 -17.65 13.02
CA PHE D 191 -19.39 -18.68 12.63
C PHE D 191 -20.07 -20.03 12.49
N ARG D 192 -21.22 -20.21 13.11
CA ARG D 192 -21.94 -21.47 13.00
C ARG D 192 -22.50 -21.68 11.61
N LEU D 193 -22.61 -20.59 10.83
CA LEU D 193 -23.06 -20.70 9.45
C LEU D 193 -22.03 -21.42 8.59
N PHE D 194 -20.76 -21.38 8.99
CA PHE D 194 -19.71 -21.98 8.17
C PHE D 194 -19.83 -23.50 8.12
N LYS D 195 -20.50 -24.09 9.11
CA LYS D 195 -20.63 -25.54 9.13
C LYS D 195 -21.66 -26.02 8.12
N ARG D 196 -22.70 -25.22 7.89
CA ARG D 196 -23.81 -25.69 7.07
C ARG D 196 -23.54 -25.49 5.58
N ILE D 197 -22.93 -24.38 5.21
CA ILE D 197 -22.64 -24.06 3.83
C ILE D 197 -21.31 -24.70 3.45
N LYS D 198 -21.37 -25.65 2.53
CA LYS D 198 -20.20 -26.41 2.11
C LYS D 198 -19.07 -25.65 1.44
N SER D 199 -19.32 -24.44 0.97
CA SER D 199 -18.27 -23.63 0.36
C SER D 199 -17.44 -22.89 1.40
N LEU D 200 -18.11 -22.19 2.32
CA LEU D 200 -17.39 -21.52 3.39
C LEU D 200 -16.63 -22.52 4.24
N ASN D 201 -17.20 -23.71 4.44
CA ASN D 201 -16.49 -24.74 5.17
C ASN D 201 -15.22 -25.16 4.44
N LYS D 202 -15.34 -25.27 3.12
CA LYS D 202 -14.24 -25.65 2.26
C LYS D 202 -13.10 -24.64 2.31
N ILE D 203 -13.43 -23.37 2.48
CA ILE D 203 -12.46 -22.29 2.60
C ILE D 203 -11.79 -22.32 3.97
N ILE D 204 -12.57 -22.48 5.03
CA ILE D 204 -11.97 -22.37 6.36
C ILE D 204 -11.15 -23.62 6.69
N VAL D 205 -11.55 -24.79 6.16
CA VAL D 205 -10.71 -25.98 6.37
C VAL D 205 -9.39 -25.86 5.63
N SER D 206 -9.41 -25.31 4.41
CA SER D 206 -8.14 -25.08 3.73
C SER D 206 -7.28 -24.09 4.50
N LEU D 207 -7.89 -23.02 5.02
CA LEU D 207 -7.14 -22.05 5.82
C LEU D 207 -6.50 -22.70 7.04
N GLY D 208 -7.27 -23.56 7.73
CA GLY D 208 -6.75 -24.20 8.92
C GLY D 208 -5.63 -25.17 8.61
N LYS D 209 -5.74 -25.89 7.50
CA LYS D 209 -4.66 -26.81 7.15
C LYS D 209 -3.52 -26.10 6.43
N ALA D 210 -3.66 -24.79 6.20
CA ALA D 210 -2.56 -24.02 5.62
C ALA D 210 -1.76 -23.28 6.68
N ILE D 211 -2.39 -22.92 7.80
CA ILE D 211 -1.71 -22.09 8.80
C ILE D 211 -0.46 -22.74 9.40
N PRO D 212 -0.46 -24.02 9.79
CA PRO D 212 0.78 -24.60 10.33
C PRO D 212 1.97 -24.50 9.40
N GLY D 213 1.75 -24.61 8.08
CA GLY D 213 2.85 -24.40 7.15
C GLY D 213 3.40 -22.98 7.20
N VAL D 214 2.51 -22.01 7.42
CA VAL D 214 2.94 -20.62 7.54
C VAL D 214 3.75 -20.40 8.81
N ALA D 215 3.46 -21.17 9.87
CA ALA D 215 4.08 -20.94 11.18
C ALA D 215 5.57 -20.66 11.12
N ASN D 216 6.32 -21.40 10.28
CA ASN D 216 7.77 -21.26 10.27
C ASN D 216 8.20 -19.89 9.75
N ALA D 217 7.73 -19.52 8.56
CA ALA D 217 8.08 -18.22 8.00
C ALA D 217 7.55 -17.09 8.88
N PHE D 218 6.41 -17.31 9.53
CA PHE D 218 5.91 -16.30 10.44
C PHE D 218 6.83 -16.10 11.63
N VAL D 219 7.38 -17.20 12.16
CA VAL D 219 8.27 -17.08 13.32
C VAL D 219 9.58 -16.41 12.89
N ILE D 220 10.04 -16.67 11.67
CA ILE D 220 11.24 -16.00 11.18
C ILE D 220 11.01 -14.50 11.06
N MET D 221 9.87 -14.12 10.46
CA MET D 221 9.56 -12.70 10.31
C MET D 221 9.43 -12.02 11.66
N VAL D 222 8.84 -12.71 12.64
CA VAL D 222 8.68 -12.09 13.96
C VAL D 222 10.03 -11.98 14.66
N ILE D 223 10.91 -12.96 14.47
CA ILE D 223 12.26 -12.85 15.03
C ILE D 223 12.96 -11.61 14.50
N ILE D 224 12.85 -11.39 13.19
CA ILE D 224 13.52 -10.23 12.60
C ILE D 224 12.86 -8.93 13.08
N MET D 225 11.55 -8.94 13.24
CA MET D 225 10.87 -7.74 13.74
C MET D 225 11.29 -7.41 15.17
N CYS D 226 11.47 -8.43 16.01
CA CYS D 226 11.92 -8.14 17.37
C CYS D 226 13.38 -7.69 17.39
N ILE D 227 14.22 -8.23 16.52
CA ILE D 227 15.58 -7.70 16.39
C ILE D 227 15.54 -6.21 16.07
N TYR D 228 14.76 -5.85 15.05
CA TYR D 228 14.68 -4.44 14.66
C TYR D 228 14.04 -3.60 15.75
N ALA D 229 13.17 -4.19 16.58
CA ALA D 229 12.55 -3.44 17.66
C ALA D 229 13.56 -3.14 18.76
N ILE D 230 14.40 -4.11 19.10
CA ILE D 230 15.47 -3.86 20.06
C ILE D 230 16.40 -2.78 19.53
N LEU D 231 16.81 -2.90 18.27
CA LEU D 231 17.68 -1.89 17.67
C LEU D 231 17.03 -0.52 17.69
N GLY D 232 15.73 -0.46 17.36
CA GLY D 232 15.06 0.82 17.31
C GLY D 232 14.92 1.46 18.67
N VAL D 233 14.64 0.65 19.70
CA VAL D 233 14.57 1.21 21.05
C VAL D 233 15.93 1.72 21.49
N GLU D 234 16.99 1.00 21.14
CA GLU D 234 18.31 1.46 21.53
C GLU D 234 18.68 2.76 20.82
N PHE D 235 18.31 2.87 19.55
CA PHE D 235 18.75 4.02 18.76
C PHE D 235 17.84 5.23 18.97
N TYR D 236 16.56 5.10 18.61
CA TYR D 236 15.69 6.25 18.47
C TYR D 236 14.79 6.54 19.66
N HIS D 237 14.87 5.77 20.74
CA HIS D 237 13.93 5.93 21.84
C HIS D 237 14.02 7.30 22.51
N MET D 238 14.99 8.13 22.13
CA MET D 238 15.08 9.48 22.66
C MET D 238 15.14 10.55 21.58
N THR D 239 14.80 10.21 20.33
CA THR D 239 14.78 11.20 19.27
C THR D 239 13.72 12.26 19.53
N GLY D 240 14.15 13.51 19.62
CA GLY D 240 13.21 14.58 19.85
C GLY D 240 12.65 14.64 21.26
N SER D 241 13.41 14.15 22.24
CA SER D 241 12.93 14.11 23.62
C SER D 241 12.62 15.51 24.13
N ASP D 242 13.37 16.52 23.69
CA ASP D 242 13.08 17.88 24.12
C ASP D 242 11.75 18.36 23.54
N GLY D 243 11.24 17.63 22.55
CA GLY D 243 10.11 18.06 21.77
C GLY D 243 10.48 18.70 20.46
N THR D 244 11.73 19.00 20.26
CA THR D 244 12.12 19.60 19.04
C THR D 244 13.38 18.98 18.63
N TYR D 245 13.53 18.75 17.34
CA TYR D 245 14.78 18.28 16.81
C TYR D 245 15.25 19.32 15.82
N VAL D 246 16.56 19.45 15.66
CA VAL D 246 17.13 20.42 14.75
C VAL D 246 17.53 19.76 13.44
N THR D 247 17.22 20.41 12.32
CA THR D 247 17.57 19.89 11.00
C THR D 247 18.40 20.97 10.33
N TYR D 248 19.33 20.60 9.48
CA TYR D 248 20.19 21.57 8.84
C TYR D 248 19.98 21.66 7.34
N ASN D 249 20.02 22.86 6.81
CA ASN D 249 19.81 23.09 5.41
C ASN D 249 21.02 23.65 4.72
N ASP D 250 21.09 23.49 3.40
CA ASP D 250 22.15 24.05 2.58
C ASP D 250 21.75 25.42 2.09
N ASN D 251 21.37 26.35 2.95
CA ASN D 251 20.92 27.63 2.45
C ASN D 251 21.94 28.44 1.71
N VAL D 252 23.14 28.57 2.24
CA VAL D 252 24.14 29.35 1.54
C VAL D 252 24.68 28.71 0.27
N LYS D 253 24.87 27.39 0.29
CA LYS D 253 25.39 26.69 -0.85
C LYS D 253 24.42 26.64 -2.01
N ARG D 254 23.12 26.71 -1.72
CA ARG D 254 22.10 26.63 -2.76
C ARG D 254 21.79 27.93 -3.48
N GLY D 255 21.97 29.06 -2.80
CA GLY D 255 21.60 30.33 -3.37
C GLY D 255 20.54 31.11 -2.63
N LEU D 256 19.97 30.57 -1.56
CA LEU D 256 18.86 31.25 -0.90
C LEU D 256 19.36 32.41 -0.04
N CYS D 257 20.57 32.31 0.48
CA CYS D 257 21.18 33.40 1.22
C CYS D 257 22.68 33.41 0.94
N THR D 258 23.32 34.52 1.30
CA THR D 258 24.76 34.63 1.16
C THR D 258 25.44 34.37 2.50
N GLY D 259 26.68 33.88 2.44
CA GLY D 259 27.35 33.41 3.65
C GLY D 259 27.51 34.50 4.70
N ASP D 260 27.51 35.76 4.28
CA ASP D 260 27.73 36.85 5.24
C ASP D 260 26.54 37.03 6.16
N GLU D 261 25.32 36.87 5.64
CA GLU D 261 24.12 37.06 6.44
C GLU D 261 24.04 36.02 7.56
N VAL D 262 24.57 34.83 7.29
CA VAL D 262 24.59 33.78 8.32
C VAL D 262 25.50 34.17 9.47
N GLU D 263 26.75 34.55 9.16
CA GLU D 263 27.69 34.93 10.19
C GLU D 263 27.22 36.18 10.94
N LEU D 264 26.50 37.08 10.25
CA LEU D 264 25.99 38.26 10.94
C LEU D 264 24.78 37.90 11.79
N GLY D 265 23.97 36.96 11.34
CA GLY D 265 22.80 36.52 12.08
C GLY D 265 21.48 36.72 11.38
N GLN D 266 21.50 37.13 10.12
CA GLN D 266 20.26 37.39 9.39
C GLN D 266 19.57 36.10 8.98
N CYS D 267 20.36 35.10 8.60
CA CYS D 267 19.83 33.80 8.24
C CYS D 267 20.52 32.73 9.08
N SER D 268 20.04 31.49 8.96
CA SER D 268 20.61 30.38 9.69
C SER D 268 20.61 29.14 8.81
N LEU D 269 21.36 28.14 9.24
CA LEU D 269 21.38 26.85 8.56
C LEU D 269 20.67 25.75 9.35
N ASN D 270 20.03 26.07 10.46
CA ASN D 270 19.31 25.10 11.27
C ASN D 270 17.89 25.57 11.55
N GLN D 271 16.96 24.64 11.56
CA GLN D 271 15.60 24.98 11.85
C GLN D 271 15.19 24.09 13.01
N THR D 272 14.73 24.70 14.09
CA THR D 272 14.31 23.93 15.26
C THR D 272 12.89 23.42 15.12
N VAL D 273 12.67 22.48 14.21
CA VAL D 273 11.37 21.85 14.00
C VAL D 273 10.92 21.11 15.25
N SER D 274 9.62 21.10 15.53
CA SER D 274 9.08 20.46 16.72
C SER D 274 8.78 18.99 16.44
N SER D 275 8.82 18.18 17.50
CA SER D 275 8.75 16.74 17.37
C SER D 275 7.48 16.12 17.94
N GLU D 276 6.60 16.92 18.53
CA GLU D 276 5.34 16.39 19.05
C GLU D 276 4.51 15.74 17.96
N THR D 277 3.96 14.57 18.27
CA THR D 277 3.03 13.91 17.36
C THR D 277 1.60 14.38 17.65
N ALA D 278 0.66 13.88 16.85
CA ALA D 278 -0.74 14.20 17.07
C ALA D 278 -1.32 13.39 18.22
N ARG D 279 -0.48 12.74 19.03
CA ARG D 279 -0.99 12.04 20.20
C ARG D 279 -0.51 12.78 21.41
N GLY D 280 0.40 13.73 21.23
CA GLY D 280 0.91 14.47 22.35
C GLY D 280 2.31 14.10 22.79
N TYR D 281 2.93 13.11 22.15
CA TYR D 281 4.23 12.59 22.55
C TYR D 281 5.35 13.37 21.90
N THR D 282 6.54 12.80 22.00
CA THR D 282 7.64 13.13 21.12
C THR D 282 7.87 11.96 20.17
N TYR D 283 8.65 12.21 19.12
CA TYR D 283 8.83 11.17 18.11
C TYR D 283 9.37 9.89 18.72
N GLY D 284 10.38 10.01 19.60
CA GLY D 284 11.01 8.81 20.13
C GLY D 284 10.13 8.03 21.07
N GLU D 285 9.48 8.74 22.00
CA GLU D 285 8.68 8.07 23.01
C GLU D 285 7.54 7.28 22.40
N GLU D 286 6.89 7.82 21.38
CA GLU D 286 5.73 7.14 20.81
C GLU D 286 6.15 6.00 19.90
N TYR D 287 7.11 6.24 19.02
CA TYR D 287 7.39 5.25 17.99
C TYR D 287 8.33 4.16 18.49
N TYR D 288 9.28 4.51 19.37
CA TYR D 288 10.22 3.54 19.88
C TYR D 288 10.46 3.72 21.37
N GLY D 289 9.46 4.20 22.11
CA GLY D 289 9.67 4.45 23.53
C GLY D 289 9.98 3.19 24.31
N THR D 290 9.32 2.08 23.97
CA THR D 290 9.56 0.79 24.59
C THR D 290 9.66 -0.26 23.49
N PHE D 291 9.80 -1.52 23.90
CA PHE D 291 9.99 -2.59 22.93
C PHE D 291 8.69 -2.95 22.24
N PHE D 292 7.56 -2.83 22.94
CA PHE D 292 6.29 -3.17 22.31
C PHE D 292 5.78 -2.01 21.46
N ARG D 293 6.04 -0.76 21.89
CA ARG D 293 5.80 0.37 21.01
C ARG D 293 6.62 0.28 19.75
N ALA D 294 7.88 -0.13 19.86
CA ALA D 294 8.72 -0.27 18.68
C ALA D 294 8.25 -1.42 17.81
N LEU D 295 7.83 -2.53 18.42
CA LEU D 295 7.33 -3.64 17.62
C LEU D 295 6.05 -3.26 16.89
N TYR D 296 5.23 -2.42 17.51
CA TYR D 296 4.03 -1.95 16.84
C TYR D 296 4.37 -0.97 15.72
N THR D 297 5.32 -0.05 15.96
CA THR D 297 5.81 0.82 14.91
C THR D 297 6.32 0.02 13.72
N LEU D 298 7.04 -1.07 13.99
CA LEU D 298 7.58 -1.87 12.91
C LEU D 298 6.49 -2.67 12.22
N PHE D 299 5.40 -2.99 12.92
CA PHE D 299 4.25 -3.57 12.25
C PHE D 299 3.63 -2.57 11.29
N GLN D 300 3.42 -1.33 11.74
CA GLN D 300 2.88 -0.31 10.88
C GLN D 300 3.77 -0.05 9.68
N VAL D 301 5.09 -0.18 9.86
CA VAL D 301 6.01 -0.03 8.74
C VAL D 301 5.94 -1.25 7.83
N LEU D 302 5.71 -2.43 8.41
CA LEU D 302 5.59 -3.64 7.61
C LEU D 302 4.35 -3.59 6.72
N THR D 303 3.30 -2.91 7.17
CA THR D 303 2.13 -2.77 6.33
C THR D 303 2.21 -1.56 5.42
N GLY D 304 3.26 -0.76 5.54
CA GLY D 304 3.50 0.34 4.63
C GLY D 304 2.81 1.64 4.99
N GLU D 305 2.34 1.78 6.22
CA GLU D 305 1.52 2.92 6.61
C GLU D 305 2.40 4.04 7.12
N SER D 306 2.48 5.13 6.36
CA SER D 306 3.18 6.36 6.74
C SER D 306 4.56 6.08 7.32
N TRP D 307 5.25 5.07 6.78
CA TRP D 307 6.54 4.68 7.34
C TRP D 307 7.59 5.76 7.13
N SER D 308 7.39 6.62 6.13
CA SER D 308 8.41 7.63 5.83
C SER D 308 8.08 8.96 6.46
N GLU D 309 6.90 9.50 6.16
CA GLU D 309 6.60 10.86 6.56
C GLU D 309 6.41 10.96 8.06
N ALA D 310 6.00 9.88 8.70
CA ALA D 310 5.75 9.92 10.15
C ALA D 310 6.89 9.27 10.92
N VAL D 311 7.37 8.12 10.44
CA VAL D 311 8.36 7.33 11.18
C VAL D 311 9.77 7.66 10.72
N ALA D 312 10.07 7.41 9.44
CA ALA D 312 11.45 7.43 8.99
C ALA D 312 12.01 8.84 8.87
N ARG D 313 11.34 9.71 8.12
CA ARG D 313 11.96 10.97 7.72
C ARG D 313 12.38 11.87 8.88
N PRO D 314 11.64 11.98 9.98
CA PRO D 314 12.17 12.77 11.11
C PRO D 314 13.45 12.21 11.67
N ALA D 315 13.59 10.88 11.72
CA ALA D 315 14.84 10.28 12.16
C ALA D 315 15.94 10.52 11.15
N VAL D 316 15.66 10.29 9.87
CA VAL D 316 16.66 10.43 8.82
C VAL D 316 17.20 11.85 8.78
N PHE D 317 16.35 12.84 8.96
CA PHE D 317 16.79 14.22 8.85
C PHE D 317 17.13 14.84 10.20
N GLU D 318 16.92 14.12 11.31
CA GLU D 318 17.43 14.57 12.59
C GLU D 318 18.96 14.55 12.59
N SER D 319 19.55 13.47 12.08
CA SER D 319 20.99 13.36 11.97
C SER D 319 21.50 14.34 10.91
N HIS D 320 22.57 15.04 11.24
CA HIS D 320 23.15 15.97 10.27
C HIS D 320 23.84 15.22 9.14
N TYR D 321 24.88 14.46 9.46
CA TYR D 321 25.74 13.83 8.46
C TYR D 321 25.67 12.31 8.50
N ASP D 322 25.08 11.74 9.55
CA ASP D 322 24.92 10.30 9.65
C ASP D 322 23.52 9.85 9.26
N SER D 323 22.95 10.44 8.21
CA SER D 323 21.64 10.02 7.72
C SER D 323 21.68 8.61 7.13
N PHE D 324 22.85 8.02 6.97
CA PHE D 324 22.92 6.66 6.46
C PHE D 324 22.39 5.66 7.47
N GLY D 325 22.46 6.01 8.76
CA GLY D 325 22.01 5.13 9.81
C GLY D 325 20.53 4.80 9.72
N PRO D 326 19.68 5.81 9.96
CA PRO D 326 18.23 5.56 9.86
C PRO D 326 17.78 5.15 8.47
N VAL D 327 18.41 5.70 7.43
CA VAL D 327 18.06 5.30 6.07
C VAL D 327 18.28 3.81 5.89
N LEU D 328 19.45 3.31 6.27
CA LEU D 328 19.72 1.90 6.12
C LEU D 328 18.83 1.07 7.02
N PHE D 329 18.56 1.55 8.24
CA PHE D 329 17.63 0.88 9.13
C PHE D 329 16.30 0.61 8.44
N TYR D 330 15.64 1.68 7.99
CA TYR D 330 14.29 1.54 7.43
C TYR D 330 14.30 0.86 6.07
N VAL D 331 15.31 1.14 5.24
CA VAL D 331 15.38 0.51 3.92
C VAL D 331 15.61 -0.98 4.06
N SER D 332 16.53 -1.39 4.94
CA SER D 332 16.78 -2.81 5.15
C SER D 332 15.55 -3.49 5.73
N PHE D 333 14.90 -2.85 6.71
CA PHE D 333 13.68 -3.43 7.27
C PHE D 333 12.64 -3.63 6.19
N ILE D 334 12.35 -2.58 5.43
CA ILE D 334 11.32 -2.66 4.40
C ILE D 334 11.65 -3.75 3.41
N ILE D 335 12.84 -3.68 2.80
CA ILE D 335 13.21 -4.71 1.83
C ILE D 335 13.00 -6.09 2.42
N ILE D 336 13.77 -6.41 3.47
CA ILE D 336 13.76 -7.76 4.03
C ILE D 336 12.36 -8.15 4.43
N CYS D 337 11.83 -7.52 5.47
CA CYS D 337 10.56 -7.93 6.03
C CYS D 337 9.45 -7.78 5.00
N GLN D 338 9.15 -6.54 4.60
CA GLN D 338 8.01 -6.32 3.72
C GLN D 338 8.12 -7.21 2.49
N ILE D 339 9.07 -6.93 1.61
CA ILE D 339 9.08 -7.59 0.33
C ILE D 339 9.31 -9.08 0.52
N VAL D 340 10.49 -9.46 1.00
CA VAL D 340 10.84 -10.87 0.96
C VAL D 340 9.95 -11.65 1.91
N LEU D 341 9.87 -11.23 3.18
CA LEU D 341 9.24 -12.07 4.17
C LEU D 341 7.73 -12.10 4.00
N ILE D 342 7.08 -10.95 3.75
CA ILE D 342 5.64 -11.03 3.57
C ILE D 342 5.30 -11.84 2.34
N ASN D 343 6.07 -11.70 1.26
CA ASN D 343 5.73 -12.46 0.06
C ASN D 343 5.98 -13.94 0.26
N VAL D 344 6.96 -14.31 1.09
CA VAL D 344 7.19 -15.73 1.35
C VAL D 344 6.10 -16.31 2.23
N VAL D 345 5.68 -15.56 3.26
CA VAL D 345 4.57 -16.00 4.10
C VAL D 345 3.32 -16.21 3.25
N VAL D 346 2.94 -15.21 2.46
CA VAL D 346 1.73 -15.32 1.66
C VAL D 346 1.88 -16.42 0.61
N ALA D 347 3.10 -16.61 0.09
CA ALA D 347 3.30 -17.61 -0.93
C ALA D 347 3.14 -19.01 -0.37
N VAL D 348 3.68 -19.27 0.82
CA VAL D 348 3.51 -20.60 1.40
C VAL D 348 2.06 -20.81 1.84
N LEU D 349 1.40 -19.73 2.27
CA LEU D 349 -0.02 -19.82 2.59
C LEU D 349 -0.84 -20.26 1.38
N LEU D 350 -0.74 -19.51 0.29
CA LEU D 350 -1.49 -19.84 -0.92
C LEU D 350 -1.07 -21.20 -1.47
N ASP D 351 0.21 -21.57 -1.31
CA ASP D 351 0.64 -22.87 -1.78
C ASP D 351 -0.05 -23.99 -1.01
N LYS D 352 -0.13 -23.83 0.32
CA LYS D 352 -0.80 -24.81 1.15
C LYS D 352 -2.27 -24.90 0.82
N MET D 353 -2.88 -23.75 0.52
CA MET D 353 -4.31 -23.74 0.21
C MET D 353 -4.59 -24.40 -1.14
N VAL D 354 -3.73 -24.16 -2.13
CA VAL D 354 -3.91 -24.83 -3.43
C VAL D 354 -3.58 -26.31 -3.30
N GLU D 355 -2.71 -26.67 -2.35
CA GLU D 355 -2.50 -28.08 -2.04
C GLU D 355 -3.78 -28.72 -1.56
N GLU D 356 -4.50 -28.05 -0.66
CA GLU D 356 -5.71 -28.65 -0.11
C GLU D 356 -6.86 -28.60 -1.09
N ASP D 357 -6.87 -27.58 -1.96
CA ASP D 357 -7.87 -27.50 -3.01
C ASP D 357 -7.78 -28.68 -3.97
N ASP D 358 -6.57 -29.21 -4.17
CA ASP D 358 -6.37 -30.30 -5.11
C ASP D 358 -5.58 -31.44 -4.46
N ILE E 2 0.81 -12.33 -4.99
CA ILE E 2 1.75 -13.18 -5.70
C ILE E 2 1.04 -14.28 -6.47
N ALA E 3 -0.29 -14.24 -6.48
CA ALA E 3 -1.10 -15.26 -7.15
C ALA E 3 -0.73 -15.34 -8.62
N ALA E 4 -0.42 -14.19 -9.21
CA ALA E 4 -0.05 -14.07 -10.63
C ALA E 4 1.18 -14.93 -10.90
N ILE E 5 2.10 -14.93 -9.94
CA ILE E 5 3.33 -15.70 -10.05
C ILE E 5 3.01 -17.19 -9.99
N HIS E 6 2.17 -17.55 -9.03
CA HIS E 6 1.80 -18.94 -8.85
C HIS E 6 1.12 -19.45 -10.10
N ASN E 7 0.13 -18.71 -10.62
CA ASN E 7 -0.59 -19.15 -11.80
C ASN E 7 0.35 -19.35 -12.96
N ALA E 8 1.29 -18.42 -13.15
CA ALA E 8 2.22 -18.55 -14.27
C ALA E 8 3.04 -19.82 -14.09
N ARG E 9 3.45 -20.08 -12.86
CA ARG E 9 4.27 -21.26 -12.57
C ARG E 9 3.51 -22.54 -12.93
N ARG E 10 2.25 -22.60 -12.52
CA ARG E 10 1.40 -23.75 -12.76
C ARG E 10 1.24 -23.99 -14.23
N LYS E 11 0.90 -22.93 -14.96
CA LYS E 11 0.61 -23.06 -16.38
C LYS E 11 1.84 -23.60 -17.08
N LYS E 12 3.01 -23.13 -16.66
CA LYS E 12 4.24 -23.52 -17.32
C LYS E 12 4.50 -25.01 -17.10
N ARG E 13 4.31 -25.46 -15.86
CA ARG E 13 4.59 -26.84 -15.50
C ARG E 13 3.58 -27.80 -16.10
N GLU E 14 2.31 -27.44 -16.03
CA GLU E 14 1.24 -28.29 -16.51
C GLU E 14 1.32 -28.39 -18.02
N ALA E 15 1.64 -27.27 -18.68
CA ALA E 15 1.77 -27.29 -20.13
C ALA E 15 2.93 -28.20 -20.51
N ALA E 16 4.03 -28.12 -19.78
CA ALA E 16 5.15 -29.00 -20.06
C ALA E 16 4.77 -30.47 -19.88
N ALA E 17 3.99 -30.74 -18.83
CA ALA E 17 3.54 -32.10 -18.57
C ALA E 17 2.68 -32.59 -19.72
#